data_4X3Z
#
_entry.id   4X3Z
#
_cell.length_a   91.262
_cell.length_b   91.262
_cell.length_c   171.214
_cell.angle_alpha   90.00
_cell.angle_beta   90.00
_cell.angle_gamma   90.00
#
_symmetry.space_group_name_H-M   'P 4 21 2'
#
loop_
_entity.id
_entity.type
_entity.pdbx_description
1 polymer "Inosine-5'-monophosphate dehydrogenase"
2 non-polymer "XANTHOSINE-5'-MONOPHOSPHATE"
3 non-polymer NICOTINAMIDE-ADENINE-DINUCLEOTIDE
4 non-polymer 'POTASSIUM ION'
5 non-polymer GLYCEROL
6 non-polymer 'PHOSPHATE ION'
7 water water
#
_entity_poly.entity_id   1
_entity_poly.type   'polypeptide(L)'
_entity_poly.pdbx_seq_one_letter_code
;SNAMHMLRIAKEALTFDDVLLVPAHSTVLPNTADLRTRLTKNIALNIPMVSASMDTVTEARLAIALAQEGGIGFIHKNMS
IEQQAAQVHQVKISGGLRVGAAVGAAPGNEERVKALVEAGVDVLLIDSSHGHSEGVLQRIRETRAAYPHLEIIGGNVATA
EGARALIEAGVSAVKVGIGPGSICTTRIVTGVGVPQITAIADAAGVANEYGIPVIADGGIRFSGDISKAIAAGASCVMVG
SMFAGTEEAPGEVILYQGRSYKAYRGMGSLGAMSKGSSDRYFQTDNAADKLVPEGIEGRIAYKGHLKEIIHQQMGGLRSC
MGLTGSATVEDLRTKAQFVRISGAGMKESHVHDVQITKEAPNYRLG
;
_entity_poly.pdbx_strand_id   A,B
#
# COMPACT_ATOMS: atom_id res chain seq x y z
N MET A 6 -19.99 18.11 10.08
CA MET A 6 -20.99 17.67 9.07
C MET A 6 -20.46 17.69 7.66
N LEU A 7 -19.66 18.70 7.35
CA LEU A 7 -19.03 18.73 6.04
C LEU A 7 -17.75 17.90 6.20
N ARG A 8 -17.60 16.83 5.42
CA ARG A 8 -16.52 15.86 5.64
C ARG A 8 -15.32 16.35 4.83
N ILE A 9 -14.56 17.29 5.37
CA ILE A 9 -13.45 17.91 4.63
C ILE A 9 -12.17 17.42 5.23
N ALA A 10 -11.37 16.73 4.43
CA ALA A 10 -10.23 15.95 4.91
C ALA A 10 -9.03 16.84 5.26
N LYS A 11 -8.84 17.94 4.52
CA LYS A 11 -7.67 18.89 4.67
C LYS A 11 -7.67 19.93 3.48
N GLU A 12 -6.87 21.03 3.54
CA GLU A 12 -6.72 22.07 2.45
C GLU A 12 -5.53 21.76 1.57
N ALA A 13 -5.83 21.51 0.31
CA ALA A 13 -4.87 20.98 -0.62
C ALA A 13 -4.39 22.07 -1.57
N LEU A 14 -3.13 21.95 -1.99
CA LEU A 14 -2.43 23.00 -2.73
C LEU A 14 -2.02 22.60 -4.13
N THR A 15 -1.97 23.61 -5.00
CA THR A 15 -1.48 23.41 -6.32
C THR A 15 -0.27 24.31 -6.61
N PHE A 16 0.29 24.23 -7.80
CA PHE A 16 1.54 24.91 -8.18
C PHE A 16 1.51 26.38 -7.80
N ASP A 17 0.43 27.07 -8.12
CA ASP A 17 0.40 28.52 -7.88
C ASP A 17 0.20 28.92 -6.43
N ASP A 18 0.04 27.96 -5.53
CA ASP A 18 -0.07 28.22 -4.12
C ASP A 18 1.28 28.26 -3.39
N VAL A 19 2.36 27.91 -4.09
CA VAL A 19 3.62 27.71 -3.39
C VAL A 19 4.76 28.25 -4.24
N LEU A 20 5.86 28.63 -3.57
CA LEU A 20 7.13 28.92 -4.19
C LEU A 20 8.24 28.17 -3.43
N LEU A 21 9.30 27.88 -4.14
CA LEU A 21 10.50 27.28 -3.54
C LEU A 21 11.39 28.33 -2.91
N VAL A 22 11.97 27.99 -1.76
CA VAL A 22 12.77 28.96 -1.01
C VAL A 22 14.23 28.84 -1.45
N PRO A 23 14.86 29.95 -1.84
CA PRO A 23 16.29 29.91 -2.12
C PRO A 23 17.07 29.52 -0.86
N ALA A 24 18.16 28.81 -1.08
CA ALA A 24 18.98 28.29 0.01
C ALA A 24 20.44 28.39 -0.35
N HIS A 25 21.30 28.07 0.65
CA HIS A 25 22.71 28.03 0.38
C HIS A 25 23.00 27.17 -0.78
N SER A 26 23.84 27.68 -1.68
CA SER A 26 24.14 26.95 -2.90
C SER A 26 25.62 26.89 -3.26
N THR A 27 26.07 25.69 -3.63
CA THR A 27 27.33 25.53 -4.33
C THR A 27 27.14 25.10 -5.81
N VAL A 28 25.91 25.16 -6.29
CA VAL A 28 25.50 24.59 -7.57
C VAL A 28 25.32 25.71 -8.56
N LEU A 29 25.92 25.54 -9.73
CA LEU A 29 25.67 26.42 -10.84
C LEU A 29 24.71 25.71 -11.80
N PRO A 30 23.95 26.44 -12.58
CA PRO A 30 23.01 25.78 -13.47
C PRO A 30 23.67 24.75 -14.40
N ASN A 31 24.83 25.06 -14.95
CA ASN A 31 25.52 24.10 -15.81
C ASN A 31 26.14 22.90 -15.06
N THR A 32 26.22 22.91 -13.73
CA THR A 32 26.71 21.77 -13.00
C THR A 32 25.61 20.93 -12.38
N ALA A 33 24.38 21.44 -12.40
CA ALA A 33 23.25 20.67 -11.86
C ALA A 33 23.16 19.31 -12.59
N ASP A 34 22.80 18.27 -11.84
CA ASP A 34 22.68 16.92 -12.37
C ASP A 34 21.21 16.63 -12.53
N LEU A 35 20.76 16.48 -13.79
CA LEU A 35 19.30 16.27 -14.06
C LEU A 35 18.86 14.81 -14.11
N ARG A 36 19.78 13.86 -13.90
CA ARG A 36 19.42 12.47 -14.02
C ARG A 36 18.41 12.06 -12.93
N THR A 37 17.54 11.13 -13.28
CA THR A 37 16.52 10.65 -12.34
C THR A 37 16.06 9.25 -12.73
N ARG A 38 14.96 8.81 -12.15
CA ARG A 38 14.39 7.51 -12.42
C ARG A 38 12.97 7.67 -12.92
N LEU A 39 12.58 6.85 -13.89
CA LEU A 39 11.18 6.65 -14.22
C LEU A 39 10.61 5.52 -13.35
N THR A 40 11.38 4.41 -13.26
CA THR A 40 11.12 3.24 -12.34
C THR A 40 12.37 2.83 -11.63
N LYS A 41 12.34 1.82 -10.73
CA LYS A 41 13.62 1.35 -10.16
C LYS A 41 14.52 0.85 -11.23
N ASN A 42 13.96 0.31 -12.31
CA ASN A 42 14.84 -0.21 -13.33
C ASN A 42 15.04 0.63 -14.59
N ILE A 43 14.35 1.76 -14.73
CA ILE A 43 14.50 2.59 -15.91
C ILE A 43 14.95 3.98 -15.44
N ALA A 44 16.18 4.33 -15.82
CA ALA A 44 16.75 5.66 -15.49
C ALA A 44 16.39 6.65 -16.60
N LEU A 45 16.40 7.94 -16.28
CA LEU A 45 16.21 9.00 -17.29
C LEU A 45 17.33 10.03 -17.12
N ASN A 46 17.84 10.56 -18.22
CA ASN A 46 18.79 11.64 -18.14
C ASN A 46 18.17 13.01 -17.87
N ILE A 47 16.87 13.19 -18.18
CA ILE A 47 16.12 14.38 -17.74
C ILE A 47 14.77 13.95 -17.18
N PRO A 48 14.15 14.79 -16.32
CA PRO A 48 12.95 14.30 -15.63
C PRO A 48 11.65 14.58 -16.41
N MET A 49 11.60 14.24 -17.69
CA MET A 49 10.44 14.55 -18.52
CA MET A 49 10.48 14.58 -18.56
C MET A 49 9.99 13.34 -19.27
N VAL A 50 8.69 13.10 -19.20
CA VAL A 50 8.06 12.08 -20.05
C VAL A 50 6.84 12.69 -20.70
N SER A 51 6.54 12.19 -21.90
CA SER A 51 5.39 12.73 -22.65
C SER A 51 4.08 11.96 -22.46
N ALA A 52 2.98 12.71 -22.45
CA ALA A 52 1.65 12.17 -22.27
C ALA A 52 1.26 11.20 -23.36
N SER A 53 0.52 10.17 -22.96
CA SER A 53 0.00 9.21 -23.93
C SER A 53 -1.26 9.77 -24.55
N MET A 54 -1.06 10.78 -25.40
CA MET A 54 -2.19 11.48 -26.05
C MET A 54 -2.00 11.50 -27.54
N ASP A 55 -3.12 11.47 -28.26
CA ASP A 55 -3.10 11.41 -29.71
C ASP A 55 -2.70 12.71 -30.41
N THR A 56 -2.55 13.78 -29.65
CA THR A 56 -2.01 15.03 -30.12
C THR A 56 -0.64 15.38 -29.50
N VAL A 57 -0.03 14.40 -28.82
CA VAL A 57 1.28 14.58 -28.23
C VAL A 57 2.31 13.54 -28.68
N THR A 58 2.04 12.25 -28.46
CA THR A 58 3.09 11.24 -28.58
C THR A 58 2.78 10.10 -29.54
N GLU A 59 3.45 10.18 -30.69
CA GLU A 59 3.62 9.03 -31.56
C GLU A 59 5.13 8.83 -31.74
N ALA A 60 5.53 7.95 -32.67
CA ALA A 60 6.96 7.59 -32.71
C ALA A 60 7.88 8.76 -32.91
N ARG A 61 7.50 9.74 -33.72
CA ARG A 61 8.40 10.85 -34.01
C ARG A 61 8.79 11.64 -32.75
N LEU A 62 7.79 11.98 -31.93
CA LEU A 62 8.08 12.68 -30.68
C LEU A 62 8.77 11.77 -29.66
N ALA A 63 8.36 10.51 -29.61
CA ALA A 63 9.00 9.54 -28.70
C ALA A 63 10.48 9.41 -29.01
N ILE A 64 10.82 9.41 -30.28
CA ILE A 64 12.24 9.33 -30.64
C ILE A 64 13.00 10.59 -30.23
N ALA A 65 12.48 11.75 -30.56
CA ALA A 65 13.14 13.00 -30.24
C ALA A 65 13.28 13.20 -28.72
N LEU A 66 12.26 12.83 -27.98
CA LEU A 66 12.28 12.98 -26.54
C LEU A 66 13.34 12.02 -25.95
N ALA A 67 13.38 10.78 -26.41
CA ALA A 67 14.33 9.82 -25.87
C ALA A 67 15.77 10.26 -26.20
N GLN A 68 15.96 10.86 -27.37
CA GLN A 68 17.28 11.43 -27.70
C GLN A 68 17.68 12.57 -26.79
N GLU A 69 16.72 13.26 -26.18
CA GLU A 69 17.00 14.33 -25.22
C GLU A 69 17.12 13.84 -23.78
N GLY A 70 16.88 12.57 -23.53
CA GLY A 70 17.04 11.98 -22.20
C GLY A 70 15.73 11.63 -21.49
N GLY A 71 14.61 11.84 -22.16
CA GLY A 71 13.29 11.49 -21.56
C GLY A 71 12.76 10.18 -22.12
N ILE A 72 11.48 9.94 -21.94
CA ILE A 72 10.78 8.79 -22.54
CA ILE A 72 10.79 8.80 -22.56
C ILE A 72 9.36 9.19 -22.97
N GLY A 73 8.95 8.75 -24.15
CA GLY A 73 7.59 8.97 -24.59
C GLY A 73 6.70 7.76 -24.41
N PHE A 74 5.40 8.01 -24.22
CA PHE A 74 4.39 6.98 -24.11
C PHE A 74 3.47 7.03 -25.33
N ILE A 75 3.67 6.06 -26.22
CA ILE A 75 2.85 5.99 -27.44
C ILE A 75 1.36 5.77 -27.04
N HIS A 76 0.46 6.60 -27.57
CA HIS A 76 -0.93 6.58 -27.20
C HIS A 76 -1.66 5.37 -27.79
N LYS A 77 -2.80 5.08 -27.19
CA LYS A 77 -3.60 3.84 -27.43
C LYS A 77 -4.64 3.98 -28.53
N ASN A 78 -4.80 5.17 -29.12
CA ASN A 78 -5.87 5.41 -30.08
CA ASN A 78 -5.87 5.44 -30.07
C ASN A 78 -5.44 5.08 -31.49
N MET A 79 -5.12 3.82 -31.64
CA MET A 79 -4.70 3.26 -32.92
C MET A 79 -4.80 1.75 -32.80
N SER A 80 -4.70 1.05 -33.92
CA SER A 80 -4.82 -0.39 -33.87
C SER A 80 -3.63 -1.01 -33.16
N ILE A 81 -3.81 -2.24 -32.71
CA ILE A 81 -2.72 -3.00 -32.12
C ILE A 81 -1.48 -3.04 -33.04
N GLU A 82 -1.71 -3.37 -34.31
CA GLU A 82 -0.62 -3.48 -35.23
C GLU A 82 0.09 -2.13 -35.37
N GLN A 83 -0.69 -1.05 -35.40
CA GLN A 83 -0.09 0.25 -35.56
C GLN A 83 0.74 0.63 -34.33
N GLN A 84 0.20 0.35 -33.18
CA GLN A 84 0.90 0.71 -31.92
C GLN A 84 2.18 -0.09 -31.75
N ALA A 85 2.14 -1.38 -32.04
CA ALA A 85 3.34 -2.23 -31.97
C ALA A 85 4.39 -1.71 -32.94
N ALA A 86 3.97 -1.33 -34.14
CA ALA A 86 4.87 -0.81 -35.13
C ALA A 86 5.57 0.49 -34.67
N GLN A 87 4.82 1.37 -34.00
CA GLN A 87 5.40 2.61 -33.49
C GLN A 87 6.44 2.29 -32.42
N VAL A 88 6.10 1.37 -31.53
CA VAL A 88 7.09 0.95 -30.53
C VAL A 88 8.37 0.47 -31.23
N HIS A 89 8.19 -0.40 -32.20
CA HIS A 89 9.32 -0.98 -32.93
C HIS A 89 10.15 0.10 -33.59
N GLN A 90 9.48 1.10 -34.17
CA GLN A 90 10.17 2.19 -34.82
C GLN A 90 11.07 2.97 -33.84
N VAL A 91 10.62 3.16 -32.59
CA VAL A 91 11.45 3.83 -31.63
C VAL A 91 12.62 2.92 -31.22
N LYS A 92 12.36 1.63 -31.06
CA LYS A 92 13.37 0.68 -30.55
C LYS A 92 14.54 0.54 -31.54
N ILE A 93 14.24 0.61 -32.82
CA ILE A 93 15.31 0.42 -33.84
C ILE A 93 16.10 1.70 -34.12
N SER A 94 15.74 2.78 -33.46
CA SER A 94 16.39 4.07 -33.66
CA SER A 94 16.40 4.07 -33.66
C SER A 94 17.55 4.25 -32.68
N GLY A 95 18.39 3.24 -32.55
CA GLY A 95 19.64 3.38 -31.83
C GLY A 95 19.59 3.53 -30.33
N GLY A 96 19.19 2.47 -29.65
CA GLY A 96 19.37 2.36 -28.20
C GLY A 96 18.34 3.11 -27.38
N LEU A 97 17.20 3.44 -27.99
CA LEU A 97 16.19 4.30 -27.33
C LEU A 97 15.12 3.47 -26.62
N ARG A 98 14.61 4.05 -25.53
CA ARG A 98 13.59 3.46 -24.70
C ARG A 98 12.26 4.09 -25.07
N VAL A 99 11.20 3.33 -24.88
CA VAL A 99 9.86 3.77 -25.18
C VAL A 99 8.84 3.11 -24.28
N GLY A 100 7.77 3.85 -23.99
CA GLY A 100 6.61 3.26 -23.31
C GLY A 100 5.40 3.22 -24.20
N ALA A 101 4.35 2.53 -23.77
CA ALA A 101 3.13 2.51 -24.53
C ALA A 101 1.96 2.30 -23.61
N ALA A 102 0.85 2.93 -23.97
CA ALA A 102 -0.37 2.90 -23.20
C ALA A 102 -1.40 1.89 -23.66
N VAL A 103 -2.13 1.37 -22.69
CA VAL A 103 -3.34 0.60 -22.94
C VAL A 103 -4.43 1.05 -21.97
N GLY A 104 -5.68 0.88 -22.38
CA GLY A 104 -6.78 1.30 -21.52
C GLY A 104 -7.03 0.35 -20.36
N ALA A 105 -7.93 0.77 -19.47
CA ALA A 105 -8.21 0.04 -18.24
C ALA A 105 -9.23 -1.11 -18.38
N ALA A 106 -9.97 -1.10 -19.49
CA ALA A 106 -11.07 -2.05 -19.65
C ALA A 106 -10.52 -3.44 -19.93
N PRO A 107 -11.28 -4.49 -19.60
CA PRO A 107 -10.82 -5.84 -19.96
C PRO A 107 -10.67 -5.99 -21.46
N GLY A 108 -9.96 -7.03 -21.88
CA GLY A 108 -9.81 -7.33 -23.30
C GLY A 108 -8.58 -6.75 -23.97
N ASN A 109 -7.66 -6.18 -23.21
CA ASN A 109 -6.43 -5.59 -23.79
C ASN A 109 -5.23 -6.57 -23.79
N GLU A 110 -5.47 -7.84 -23.47
CA GLU A 110 -4.37 -8.82 -23.40
C GLU A 110 -3.60 -8.95 -24.70
N GLU A 111 -4.31 -8.96 -25.81
CA GLU A 111 -3.65 -9.09 -27.12
C GLU A 111 -2.76 -7.87 -27.41
N ARG A 112 -3.27 -6.69 -27.08
CA ARG A 112 -2.51 -5.49 -27.29
C ARG A 112 -1.24 -5.49 -26.42
N VAL A 113 -1.38 -5.87 -25.15
CA VAL A 113 -0.20 -5.92 -24.30
C VAL A 113 0.86 -6.87 -24.87
N LYS A 114 0.43 -8.06 -25.25
CA LYS A 114 1.34 -9.04 -25.83
C LYS A 114 2.07 -8.49 -27.04
N ALA A 115 1.34 -7.84 -27.94
CA ALA A 115 1.97 -7.25 -29.11
C ALA A 115 2.99 -6.14 -28.76
N LEU A 116 2.67 -5.32 -27.78
CA LEU A 116 3.62 -4.28 -27.36
C LEU A 116 4.90 -4.86 -26.71
N VAL A 117 4.73 -5.87 -25.89
CA VAL A 117 5.85 -6.58 -25.28
C VAL A 117 6.71 -7.21 -26.37
N GLU A 118 6.08 -7.86 -27.33
CA GLU A 118 6.82 -8.49 -28.42
C GLU A 118 7.59 -7.51 -29.28
N ALA A 119 7.07 -6.29 -29.39
CA ALA A 119 7.73 -5.23 -30.10
C ALA A 119 8.89 -4.59 -29.31
N GLY A 120 9.07 -4.98 -28.05
CA GLY A 120 10.20 -4.48 -27.27
C GLY A 120 9.90 -3.30 -26.34
N VAL A 121 8.62 -3.07 -26.05
CA VAL A 121 8.27 -1.92 -25.19
C VAL A 121 9.02 -2.04 -23.86
N ASP A 122 9.51 -0.90 -23.35
CA ASP A 122 10.30 -0.86 -22.10
C ASP A 122 9.41 -0.76 -20.88
N VAL A 123 8.26 -0.12 -21.03
CA VAL A 123 7.35 0.09 -19.93
C VAL A 123 5.91 0.19 -20.43
N LEU A 124 5.03 -0.53 -19.77
CA LEU A 124 3.63 -0.52 -20.12
C LEU A 124 2.89 0.43 -19.17
N LEU A 125 2.05 1.29 -19.71
CA LEU A 125 1.20 2.20 -18.91
C LEU A 125 -0.24 1.75 -19.05
N ILE A 126 -0.92 1.48 -17.94
CA ILE A 126 -2.38 1.39 -17.96
C ILE A 126 -2.92 2.82 -17.76
N ASP A 127 -3.41 3.40 -18.85
CA ASP A 127 -3.64 4.84 -18.99
C ASP A 127 -5.06 5.17 -18.57
N SER A 128 -5.24 5.68 -17.34
CA SER A 128 -6.56 5.77 -16.74
C SER A 128 -6.56 6.76 -15.58
N SER A 129 -7.75 7.25 -15.24
CA SER A 129 -7.96 7.99 -13.99
C SER A 129 -8.39 7.07 -12.86
N HIS A 130 -8.43 5.76 -13.12
CA HIS A 130 -9.03 4.85 -12.15
C HIS A 130 -8.03 3.98 -11.46
N GLY A 131 -6.89 4.55 -11.07
CA GLY A 131 -5.88 3.77 -10.42
C GLY A 131 -6.39 3.09 -9.17
N HIS A 132 -7.22 3.79 -8.39
CA HIS A 132 -7.71 3.18 -7.13
C HIS A 132 -9.05 2.46 -7.31
N SER A 133 -9.04 1.50 -8.19
CA SER A 133 -10.27 0.74 -8.50
C SER A 133 -9.92 -0.71 -8.56
N GLU A 134 -10.88 -1.52 -8.17
CA GLU A 134 -10.65 -2.96 -8.20
C GLU A 134 -10.24 -3.44 -9.57
N GLY A 135 -10.90 -2.94 -10.60
CA GLY A 135 -10.56 -3.30 -11.97
C GLY A 135 -9.14 -3.03 -12.43
N VAL A 136 -8.63 -1.82 -12.19
CA VAL A 136 -7.31 -1.49 -12.55
C VAL A 136 -6.31 -2.27 -11.72
N LEU A 137 -6.59 -2.45 -10.43
CA LEU A 137 -5.65 -3.16 -9.57
C LEU A 137 -5.55 -4.61 -9.98
N GLN A 138 -6.68 -5.21 -10.33
CA GLN A 138 -6.61 -6.61 -10.77
C GLN A 138 -5.99 -6.74 -12.16
N ARG A 139 -6.21 -5.76 -13.04
CA ARG A 139 -5.47 -5.68 -14.34
C ARG A 139 -3.94 -5.62 -14.18
N ILE A 140 -3.48 -4.84 -13.19
CA ILE A 140 -2.06 -4.78 -12.88
C ILE A 140 -1.58 -6.14 -12.42
N ARG A 141 -2.30 -6.75 -11.50
CA ARG A 141 -1.92 -8.07 -10.99
C ARG A 141 -1.87 -9.10 -12.12
N GLU A 142 -2.86 -9.09 -12.99
CA GLU A 142 -2.87 -10.01 -14.15
C GLU A 142 -1.67 -9.80 -15.04
N THR A 143 -1.37 -8.54 -15.32
CA THR A 143 -0.25 -8.21 -16.17
C THR A 143 1.10 -8.59 -15.55
N ARG A 144 1.26 -8.33 -14.28
CA ARG A 144 2.49 -8.68 -13.55
C ARG A 144 2.69 -10.22 -13.55
N ALA A 145 1.58 -10.98 -13.47
CA ALA A 145 1.64 -12.45 -13.52
C ALA A 145 2.12 -12.91 -14.88
N ALA A 146 1.57 -12.30 -15.92
CA ALA A 146 1.91 -12.69 -17.29
C ALA A 146 3.29 -12.26 -17.73
N TYR A 147 3.77 -11.12 -17.19
CA TYR A 147 5.07 -10.55 -17.55
C TYR A 147 5.83 -10.15 -16.30
N PRO A 148 6.47 -11.13 -15.61
CA PRO A 148 7.06 -10.85 -14.32
C PRO A 148 8.15 -9.80 -14.31
N HIS A 149 8.74 -9.54 -15.48
CA HIS A 149 9.84 -8.60 -15.56
C HIS A 149 9.50 -7.35 -16.36
N LEU A 150 8.22 -7.17 -16.68
CA LEU A 150 7.78 -5.94 -17.40
C LEU A 150 7.57 -4.76 -16.42
N GLU A 151 8.21 -3.64 -16.67
CA GLU A 151 7.98 -2.39 -15.90
C GLU A 151 6.54 -1.96 -16.19
N ILE A 152 5.76 -1.70 -15.16
CA ILE A 152 4.37 -1.38 -15.32
C ILE A 152 4.08 -0.11 -14.53
N ILE A 153 3.34 0.79 -15.17
CA ILE A 153 2.73 1.96 -14.45
C ILE A 153 1.21 1.80 -14.55
N GLY A 154 0.46 1.91 -13.44
CA GLY A 154 -0.97 1.68 -13.46
C GLY A 154 -1.76 2.98 -13.67
N GLY A 155 -3.07 2.93 -13.39
CA GLY A 155 -3.92 4.15 -13.51
C GLY A 155 -3.45 5.21 -12.58
N ASN A 156 -3.85 6.44 -12.88
CA ASN A 156 -3.47 7.55 -12.00
C ASN A 156 -4.18 7.51 -10.66
N VAL A 157 -3.50 8.06 -9.66
CA VAL A 157 -4.07 8.25 -8.34
C VAL A 157 -3.82 9.67 -7.87
N ALA A 158 -4.46 10.03 -6.75
CA ALA A 158 -4.26 11.37 -6.18
C ALA A 158 -4.15 11.37 -4.67
N THR A 159 -3.95 10.19 -4.09
CA THR A 159 -3.95 10.01 -2.62
C THR A 159 -2.88 9.03 -2.19
N ALA A 160 -2.60 9.08 -0.90
CA ALA A 160 -1.68 8.13 -0.26
C ALA A 160 -2.19 6.69 -0.43
N GLU A 161 -3.48 6.47 -0.18
CA GLU A 161 -4.00 5.11 -0.25
C GLU A 161 -4.06 4.57 -1.65
N GLY A 162 -4.31 5.45 -2.61
CA GLY A 162 -4.21 5.04 -4.01
C GLY A 162 -2.82 4.60 -4.39
N ALA A 163 -1.81 5.37 -4.00
CA ALA A 163 -0.41 4.99 -4.21
C ALA A 163 -0.08 3.67 -3.54
N ARG A 164 -0.49 3.49 -2.30
CA ARG A 164 -0.20 2.21 -1.58
C ARG A 164 -0.83 1.03 -2.33
N ALA A 165 -2.05 1.21 -2.80
CA ALA A 165 -2.73 0.12 -3.48
C ALA A 165 -2.04 -0.28 -4.76
N LEU A 166 -1.62 0.72 -5.56
CA LEU A 166 -0.90 0.42 -6.74
C LEU A 166 0.40 -0.32 -6.45
N ILE A 167 1.11 0.11 -5.42
CA ILE A 167 2.39 -0.51 -5.03
C ILE A 167 2.14 -1.97 -4.62
N GLU A 168 1.13 -2.18 -3.80
CA GLU A 168 0.82 -3.57 -3.36
C GLU A 168 0.41 -4.46 -4.54
N ALA A 169 -0.20 -3.89 -5.58
CA ALA A 169 -0.52 -4.62 -6.80
C ALA A 169 0.65 -4.96 -7.68
N GLY A 170 1.81 -4.32 -7.45
CA GLY A 170 3.02 -4.61 -8.19
C GLY A 170 3.54 -3.60 -9.19
N VAL A 171 3.08 -2.35 -9.10
CA VAL A 171 3.61 -1.38 -10.09
C VAL A 171 5.04 -1.00 -9.85
N SER A 172 5.67 -0.50 -10.94
CA SER A 172 7.08 -0.06 -10.92
C SER A 172 7.27 1.44 -10.68
N ALA A 173 6.18 2.21 -10.82
CA ALA A 173 6.13 3.63 -10.56
C ALA A 173 4.70 3.99 -10.33
N VAL A 174 4.47 5.06 -9.58
CA VAL A 174 3.12 5.57 -9.29
C VAL A 174 2.94 6.86 -10.05
N LYS A 175 1.88 6.98 -10.85
CA LYS A 175 1.63 8.23 -11.56
C LYS A 175 0.44 8.95 -10.91
N VAL A 176 0.64 10.24 -10.68
CA VAL A 176 -0.27 11.06 -9.88
C VAL A 176 -0.90 12.14 -10.74
N GLY A 177 -2.22 12.25 -10.65
CA GLY A 177 -2.94 13.33 -11.29
C GLY A 177 -4.34 12.93 -11.66
N ILE A 178 -5.33 13.53 -10.97
CA ILE A 178 -6.73 13.37 -11.36
CA ILE A 178 -6.71 13.38 -11.41
C ILE A 178 -7.35 14.75 -11.76
N GLY A 179 -7.46 14.99 -13.05
CA GLY A 179 -7.99 16.24 -13.65
C GLY A 179 -7.21 17.55 -13.67
N PRO A 180 -5.91 17.56 -13.30
CA PRO A 180 -5.20 18.87 -13.43
C PRO A 180 -4.83 19.30 -14.83
N GLY A 181 -4.98 18.43 -15.82
CA GLY A 181 -4.58 18.74 -17.18
C GLY A 181 -5.13 20.02 -17.73
N SER A 182 -4.37 20.68 -18.57
CA SER A 182 -4.76 21.90 -19.28
C SER A 182 -6.09 21.78 -20.09
N ILE A 183 -6.22 20.70 -20.84
CA ILE A 183 -7.34 20.50 -21.80
CA ILE A 183 -7.34 20.46 -21.78
C ILE A 183 -8.46 19.64 -21.18
N CYS A 184 -8.46 19.55 -19.87
CA CYS A 184 -9.18 18.50 -19.19
CA CYS A 184 -9.22 18.52 -19.22
C CYS A 184 -10.25 19.08 -18.26
N THR A 185 -11.38 18.36 -18.16
CA THR A 185 -12.57 18.81 -17.46
C THR A 185 -13.09 17.79 -16.46
N THR A 186 -12.35 16.75 -16.15
CA THR A 186 -12.81 15.79 -15.14
C THR A 186 -13.29 16.48 -13.85
N ARG A 187 -12.53 17.44 -13.37
CA ARG A 187 -12.88 17.98 -12.07
C ARG A 187 -14.17 18.78 -12.12
N ILE A 188 -14.42 19.43 -13.24
CA ILE A 188 -15.62 20.21 -13.47
C ILE A 188 -16.85 19.32 -13.74
N VAL A 189 -16.69 18.28 -14.53
CA VAL A 189 -17.77 17.38 -14.89
C VAL A 189 -18.14 16.43 -13.76
N THR A 190 -17.15 16.01 -12.98
CA THR A 190 -17.40 15.03 -11.94
C THR A 190 -17.36 15.64 -10.54
N GLY A 191 -16.65 16.75 -10.36
CA GLY A 191 -16.41 17.32 -9.01
C GLY A 191 -15.26 16.69 -8.25
N VAL A 192 -14.58 15.74 -8.88
CA VAL A 192 -13.55 14.93 -8.21
C VAL A 192 -12.18 15.39 -8.63
N GLY A 193 -11.27 15.51 -7.65
CA GLY A 193 -9.87 15.72 -7.92
C GLY A 193 -9.12 16.17 -6.69
N VAL A 194 -7.78 16.25 -6.80
CA VAL A 194 -6.97 16.78 -5.68
C VAL A 194 -5.95 17.70 -6.30
N PRO A 195 -5.84 18.96 -5.81
CA PRO A 195 -4.79 19.87 -6.25
C PRO A 195 -3.43 19.16 -6.30
N GLN A 196 -2.67 19.45 -7.36
CA GLN A 196 -1.61 18.52 -7.76
C GLN A 196 -0.43 18.50 -6.83
N ILE A 197 -0.05 19.62 -6.18
CA ILE A 197 1.06 19.60 -5.28
C ILE A 197 0.83 18.69 -4.06
N THR A 198 -0.32 18.85 -3.43
CA THR A 198 -0.71 17.95 -2.36
C THR A 198 -0.82 16.51 -2.84
N ALA A 199 -1.39 16.29 -4.02
CA ALA A 199 -1.55 14.92 -4.55
C ALA A 199 -0.17 14.23 -4.66
N ILE A 200 0.80 14.96 -5.24
CA ILE A 200 2.16 14.41 -5.39
C ILE A 200 2.78 14.10 -4.02
N ALA A 201 2.69 15.02 -3.06
CA ALA A 201 3.30 14.82 -1.77
C ALA A 201 2.68 13.63 -1.04
N ASP A 202 1.35 13.53 -1.13
CA ASP A 202 0.62 12.41 -0.48
C ASP A 202 1.00 11.07 -1.03
N ALA A 203 1.06 10.97 -2.34
CA ALA A 203 1.58 9.77 -2.98
C ALA A 203 3.02 9.46 -2.61
N ALA A 204 3.89 10.49 -2.66
CA ALA A 204 5.31 10.29 -2.33
C ALA A 204 5.55 9.83 -0.94
N GLY A 205 4.73 10.28 0.02
CA GLY A 205 4.89 9.84 1.42
C GLY A 205 4.84 8.32 1.55
N VAL A 206 3.98 7.70 0.75
CA VAL A 206 3.94 6.23 0.68
C VAL A 206 5.03 5.67 -0.21
N ALA A 207 5.12 6.16 -1.45
CA ALA A 207 6.06 5.60 -2.38
C ALA A 207 7.52 5.67 -1.94
N ASN A 208 7.88 6.74 -1.26
CA ASN A 208 9.23 6.91 -0.71
C ASN A 208 9.61 5.74 0.19
N GLU A 209 8.65 5.22 0.93
CA GLU A 209 8.96 4.09 1.84
C GLU A 209 9.44 2.86 1.08
N TYR A 210 9.02 2.72 -0.16
CA TYR A 210 9.35 1.60 -1.03
C TYR A 210 10.44 1.88 -2.04
N GLY A 211 10.93 3.12 -2.12
CA GLY A 211 11.90 3.45 -3.12
C GLY A 211 11.27 3.44 -4.51
N ILE A 212 9.96 3.66 -4.62
CA ILE A 212 9.24 3.60 -5.90
CA ILE A 212 9.29 3.62 -5.90
C ILE A 212 9.03 5.05 -6.41
N PRO A 213 9.48 5.35 -7.64
CA PRO A 213 9.29 6.72 -8.19
C PRO A 213 7.85 7.10 -8.38
N VAL A 214 7.61 8.39 -8.16
CA VAL A 214 6.37 9.07 -8.44
C VAL A 214 6.53 9.94 -9.68
N ILE A 215 5.55 9.83 -10.60
CA ILE A 215 5.50 10.64 -11.78
C ILE A 215 4.36 11.66 -11.68
N ALA A 216 4.68 12.94 -11.79
CA ALA A 216 3.69 14.00 -11.63
C ALA A 216 3.09 14.30 -12.99
N ASP A 217 1.82 13.92 -13.15
CA ASP A 217 1.16 14.00 -14.46
C ASP A 217 0.05 15.04 -14.52
N GLY A 218 0.30 16.14 -15.22
CA GLY A 218 -0.74 17.10 -15.55
C GLY A 218 -0.57 18.41 -14.79
N GLY A 219 -0.99 19.49 -15.43
CA GLY A 219 -1.04 20.77 -14.79
C GLY A 219 0.23 21.59 -14.91
N ILE A 220 1.29 21.04 -15.54
CA ILE A 220 2.58 21.70 -15.67
CA ILE A 220 2.55 21.75 -15.64
C ILE A 220 2.46 22.73 -16.80
N ARG A 221 2.66 23.99 -16.51
CA ARG A 221 2.45 25.05 -17.50
C ARG A 221 3.73 25.74 -17.86
N PHE A 222 4.56 25.98 -16.85
CA PHE A 222 5.81 26.73 -16.97
C PHE A 222 6.94 25.85 -16.40
N SER A 223 8.17 26.16 -16.74
CA SER A 223 9.28 25.34 -16.21
C SER A 223 9.35 25.32 -14.72
N GLY A 224 8.93 26.41 -14.09
CA GLY A 224 8.92 26.48 -12.61
C GLY A 224 7.98 25.44 -12.00
N ASP A 225 6.95 25.05 -12.73
CA ASP A 225 6.08 24.00 -12.22
C ASP A 225 6.79 22.63 -12.15
N ILE A 226 7.73 22.38 -13.05
CA ILE A 226 8.53 21.17 -13.03
C ILE A 226 9.32 21.14 -11.73
N SER A 227 9.98 22.23 -11.37
CA SER A 227 10.71 22.31 -10.11
C SER A 227 9.83 21.99 -8.92
N LYS A 228 8.68 22.65 -8.92
CA LYS A 228 7.73 22.45 -7.80
C LYS A 228 7.25 20.99 -7.71
N ALA A 229 6.92 20.36 -8.84
CA ALA A 229 6.46 18.97 -8.82
C ALA A 229 7.54 18.06 -8.25
N ILE A 230 8.78 18.29 -8.66
CA ILE A 230 9.89 17.49 -8.14
C ILE A 230 10.06 17.72 -6.64
N ALA A 231 10.10 18.95 -6.21
CA ALA A 231 10.22 19.25 -4.76
C ALA A 231 9.06 18.69 -3.92
N ALA A 232 7.88 18.54 -4.52
CA ALA A 232 6.75 17.96 -3.82
C ALA A 232 6.91 16.44 -3.67
N GLY A 233 7.86 15.85 -4.40
CA GLY A 233 8.20 14.46 -4.28
C GLY A 233 8.30 13.64 -5.55
N ALA A 234 7.99 14.23 -6.68
CA ALA A 234 8.06 13.49 -7.96
C ALA A 234 9.47 13.30 -8.44
N SER A 235 9.73 12.15 -9.04
CA SER A 235 11.03 11.85 -9.67
C SER A 235 11.07 12.38 -11.06
N CYS A 236 9.91 12.54 -11.70
CA CYS A 236 9.85 13.10 -13.02
CA CYS A 236 9.81 12.95 -13.08
C CYS A 236 8.42 13.57 -13.27
N VAL A 237 8.25 14.31 -14.35
CA VAL A 237 6.96 14.88 -14.73
C VAL A 237 6.49 14.33 -16.05
N MET A 238 5.18 14.20 -16.20
CA MET A 238 4.55 13.90 -17.48
C MET A 238 3.84 15.15 -17.97
N VAL A 239 4.07 15.49 -19.24
CA VAL A 239 3.50 16.70 -19.82
C VAL A 239 2.79 16.41 -21.15
N GLY A 240 1.64 17.08 -21.33
CA GLY A 240 0.93 17.10 -22.59
C GLY A 240 1.07 18.48 -23.26
N SER A 241 0.46 19.50 -22.69
CA SER A 241 0.45 20.85 -23.25
CA SER A 241 0.44 20.80 -23.37
C SER A 241 1.86 21.36 -23.61
N MET A 242 2.81 21.11 -22.75
CA MET A 242 4.16 21.67 -22.90
C MET A 242 4.83 21.13 -24.20
N PHE A 243 4.44 19.93 -24.62
CA PHE A 243 5.01 19.32 -25.83
C PHE A 243 4.05 19.36 -27.04
N ALA A 244 2.75 19.54 -26.79
CA ALA A 244 1.78 19.71 -27.87
C ALA A 244 2.19 20.94 -28.64
N GLY A 245 1.91 20.91 -29.92
CA GLY A 245 2.33 22.08 -30.72
C GLY A 245 3.76 22.08 -31.19
N THR A 246 4.60 21.16 -30.72
CA THR A 246 5.91 21.03 -31.28
C THR A 246 5.80 20.39 -32.68
N GLU A 247 6.85 20.58 -33.45
CA GLU A 247 6.94 20.03 -34.78
CA GLU A 247 6.90 20.03 -34.79
C GLU A 247 6.81 18.51 -34.76
N GLU A 248 7.39 17.88 -33.75
CA GLU A 248 7.42 16.43 -33.65
C GLU A 248 6.11 15.78 -33.17
N ALA A 249 5.27 16.56 -32.48
CA ALA A 249 3.98 16.06 -32.05
C ALA A 249 3.15 15.75 -33.28
N PRO A 250 2.19 14.82 -33.17
CA PRO A 250 1.26 14.59 -34.27
C PRO A 250 0.49 15.81 -34.75
N GLY A 251 0.06 15.77 -36.01
CA GLY A 251 -0.78 16.83 -36.51
C GLY A 251 0.00 17.83 -37.34
N GLU A 252 -0.72 18.50 -38.22
CA GLU A 252 -0.13 19.53 -39.10
C GLU A 252 -0.24 20.90 -38.47
N VAL A 253 0.61 21.80 -38.91
CA VAL A 253 0.60 23.19 -38.46
C VAL A 253 -0.47 23.92 -39.21
N ILE A 254 -1.30 24.65 -38.47
CA ILE A 254 -2.48 25.36 -38.94
C ILE A 254 -2.20 26.86 -38.86
N LEU A 255 -2.27 27.58 -39.98
CA LEU A 255 -2.06 29.05 -39.98
C LEU A 255 -3.39 29.77 -39.77
N TYR A 256 -3.44 30.67 -38.79
CA TYR A 256 -4.64 31.45 -38.57
C TYR A 256 -4.28 32.85 -38.09
N GLN A 257 -4.69 33.84 -38.87
CA GLN A 257 -4.45 35.24 -38.58
C GLN A 257 -3.00 35.56 -38.22
N GLY A 258 -2.08 35.05 -39.03
CA GLY A 258 -0.69 35.35 -38.91
C GLY A 258 0.05 34.46 -37.94
N ARG A 259 -0.68 33.67 -37.15
CA ARG A 259 -0.02 32.78 -36.19
C ARG A 259 -0.29 31.32 -36.52
N SER A 260 0.62 30.49 -36.07
CA SER A 260 0.56 29.07 -36.33
C SER A 260 0.17 28.32 -35.07
N TYR A 261 -0.59 27.23 -35.26
CA TYR A 261 -1.14 26.38 -34.19
C TYR A 261 -1.06 24.90 -34.54
N LYS A 262 -1.19 24.04 -33.53
CA LYS A 262 -1.57 22.66 -33.77
C LYS A 262 -2.73 22.30 -32.86
N ALA A 263 -3.42 21.23 -33.24
CA ALA A 263 -4.53 20.74 -32.44
C ALA A 263 -3.99 20.12 -31.18
N TYR A 264 -4.73 20.29 -30.07
CA TYR A 264 -4.41 19.61 -28.81
C TYR A 264 -5.77 19.30 -28.16
N ARG A 265 -6.01 18.05 -27.79
CA ARG A 265 -7.30 17.69 -27.24
C ARG A 265 -7.16 16.67 -26.14
N GLY A 266 -8.11 16.68 -25.21
CA GLY A 266 -8.10 15.61 -24.21
C GLY A 266 -8.40 14.27 -24.81
N MET A 267 -7.89 13.21 -24.19
CA MET A 267 -8.22 11.85 -24.57
C MET A 267 -9.64 11.45 -24.14
N GLY A 268 -10.27 12.24 -23.28
CA GLY A 268 -11.71 12.09 -23.01
C GLY A 268 -12.59 13.09 -23.73
N SER A 269 -12.03 13.78 -24.74
CA SER A 269 -12.81 14.69 -25.59
C SER A 269 -13.62 13.83 -26.56
N LEU A 270 -14.71 14.38 -27.09
CA LEU A 270 -15.56 13.63 -28.01
C LEU A 270 -14.75 13.20 -29.24
N GLY A 271 -13.90 14.10 -29.75
CA GLY A 271 -13.11 13.83 -30.95
C GLY A 271 -12.18 12.66 -30.77
N ALA A 272 -11.51 12.63 -29.62
CA ALA A 272 -10.58 11.55 -29.33
C ALA A 272 -11.33 10.24 -29.08
N MET A 273 -12.49 10.29 -28.41
CA MET A 273 -13.27 9.07 -28.15
C MET A 273 -13.95 8.45 -29.38
N SER A 274 -14.18 9.24 -30.42
CA SER A 274 -14.83 8.71 -31.64
C SER A 274 -13.90 8.69 -32.86
N LEU A 291 -22.18 9.90 -25.51
CA LEU A 291 -20.91 10.00 -24.78
C LEU A 291 -20.85 11.29 -23.96
N VAL A 292 -20.26 11.17 -22.78
CA VAL A 292 -20.13 12.26 -21.82
C VAL A 292 -18.63 12.51 -21.62
N PRO A 293 -18.11 13.58 -22.27
CA PRO A 293 -16.66 13.80 -22.31
C PRO A 293 -16.06 14.38 -21.03
N GLU A 294 -14.77 14.12 -20.86
CA GLU A 294 -14.04 14.66 -19.70
C GLU A 294 -12.84 15.50 -20.13
N GLY A 295 -12.84 15.91 -21.42
CA GLY A 295 -11.90 16.88 -21.90
C GLY A 295 -12.50 17.62 -23.08
N ILE A 296 -11.71 18.53 -23.61
CA ILE A 296 -12.15 19.40 -24.71
C ILE A 296 -11.16 19.30 -25.88
N GLU A 297 -11.54 19.89 -26.99
CA GLU A 297 -10.71 19.97 -28.19
C GLU A 297 -10.24 21.40 -28.34
N GLY A 298 -8.96 21.59 -28.60
CA GLY A 298 -8.41 22.91 -28.64
C GLY A 298 -7.29 23.04 -29.63
N ARG A 299 -6.67 24.21 -29.58
CA ARG A 299 -5.53 24.47 -30.41
C ARG A 299 -4.55 25.16 -29.53
N ILE A 300 -3.28 24.93 -29.84
CA ILE A 300 -2.20 25.44 -29.06
C ILE A 300 -1.21 26.10 -30.00
N ALA A 301 -0.60 27.20 -29.57
CA ALA A 301 0.40 27.84 -30.43
C ALA A 301 1.52 26.90 -30.82
N TYR A 302 1.97 27.05 -32.06
CA TYR A 302 3.04 26.26 -32.57
C TYR A 302 4.33 26.62 -31.84
N LYS A 303 5.08 25.61 -31.42
CA LYS A 303 6.23 25.79 -30.54
C LYS A 303 7.58 25.60 -31.19
N GLY A 304 7.62 25.15 -32.44
CA GLY A 304 8.90 24.79 -33.03
C GLY A 304 9.33 23.40 -32.63
N HIS A 305 10.64 23.16 -32.72
CA HIS A 305 11.18 21.84 -32.49
C HIS A 305 11.26 21.53 -30.99
N LEU A 306 10.98 20.28 -30.68
CA LEU A 306 10.99 19.82 -29.29
C LEU A 306 12.33 20.07 -28.59
N LYS A 307 13.44 19.90 -29.31
CA LYS A 307 14.75 20.14 -28.73
C LYS A 307 14.85 21.48 -28.05
N GLU A 308 14.37 22.55 -28.69
CA GLU A 308 14.51 23.87 -28.09
C GLU A 308 13.58 24.02 -26.89
N ILE A 309 12.41 23.40 -26.92
CA ILE A 309 11.48 23.48 -25.81
C ILE A 309 12.12 22.81 -24.59
N ILE A 310 12.69 21.63 -24.81
CA ILE A 310 13.34 20.90 -23.71
C ILE A 310 14.49 21.73 -23.16
N HIS A 311 15.31 22.33 -24.02
CA HIS A 311 16.40 23.16 -23.57
C HIS A 311 15.90 24.31 -22.68
N GLN A 312 14.83 24.98 -23.09
CA GLN A 312 14.23 26.05 -22.26
C GLN A 312 13.73 25.54 -20.94
N GLN A 313 13.02 24.41 -20.95
CA GLN A 313 12.39 23.90 -19.75
C GLN A 313 13.45 23.40 -18.80
N MET A 314 14.42 22.66 -19.33
CA MET A 314 15.49 22.20 -18.44
C MET A 314 16.44 23.34 -18.00
N GLY A 315 16.51 24.41 -18.76
CA GLY A 315 17.26 25.58 -18.33
C GLY A 315 16.62 26.20 -17.09
N GLY A 316 15.30 26.25 -17.09
CA GLY A 316 14.59 26.75 -15.89
C GLY A 316 14.81 25.91 -14.67
N LEU A 317 14.76 24.59 -14.85
CA LEU A 317 14.99 23.66 -13.76
C LEU A 317 16.45 23.79 -13.26
N ARG A 318 17.40 23.85 -14.17
CA ARG A 318 18.81 24.07 -13.76
C ARG A 318 18.97 25.35 -12.94
N SER A 319 18.33 26.44 -13.38
CA SER A 319 18.42 27.69 -12.67
CA SER A 319 18.39 27.70 -12.68
C SER A 319 17.77 27.56 -11.29
N CYS A 320 16.65 26.84 -11.19
CA CYS A 320 16.09 26.50 -9.86
C CYS A 320 17.07 25.82 -8.96
N MET A 321 17.71 24.80 -9.49
CA MET A 321 18.65 23.98 -8.70
C MET A 321 19.83 24.85 -8.23
N GLY A 322 20.26 25.79 -9.08
CA GLY A 322 21.29 26.77 -8.65
C GLY A 322 20.84 27.64 -7.49
N LEU A 323 19.60 28.05 -7.50
CA LEU A 323 19.05 28.89 -6.43
C LEU A 323 18.71 28.15 -5.13
N THR A 324 18.27 26.90 -5.24
CA THR A 324 17.98 26.08 -4.07
C THR A 324 19.19 25.30 -3.54
N GLY A 325 20.30 25.33 -4.28
CA GLY A 325 21.46 24.55 -3.90
C GLY A 325 21.29 23.07 -4.04
N SER A 326 20.42 22.65 -4.97
CA SER A 326 20.15 21.24 -5.21
C SER A 326 21.08 20.68 -6.25
N ALA A 327 22.02 19.85 -5.84
CA ALA A 327 23.01 19.35 -6.78
C ALA A 327 22.40 18.32 -7.72
N THR A 328 21.43 17.55 -7.22
CA THR A 328 20.80 16.49 -7.97
C THR A 328 19.30 16.62 -7.84
N VAL A 329 18.59 15.88 -8.69
CA VAL A 329 17.12 15.82 -8.60
C VAL A 329 16.69 15.25 -7.25
N GLU A 330 17.38 14.23 -6.74
CA GLU A 330 17.05 13.76 -5.38
C GLU A 330 17.16 14.82 -4.30
N ASP A 331 18.16 15.72 -4.39
CA ASP A 331 18.24 16.80 -3.44
C ASP A 331 17.04 17.73 -3.52
N LEU A 332 16.61 18.07 -4.72
CA LEU A 332 15.44 18.91 -4.90
C LEU A 332 14.18 18.25 -4.36
N ARG A 333 14.11 16.94 -4.66
CA ARG A 333 12.93 16.11 -4.35
C ARG A 333 12.75 15.85 -2.87
N THR A 334 13.83 15.92 -2.10
CA THR A 334 13.78 15.49 -0.71
C THR A 334 14.20 16.56 0.28
N LYS A 335 14.88 17.62 -0.19
CA LYS A 335 15.41 18.65 0.73
C LYS A 335 14.89 20.06 0.56
N ALA A 336 14.49 20.42 -0.64
CA ALA A 336 14.08 21.82 -0.90
C ALA A 336 12.80 22.13 -0.16
N GLN A 337 12.65 23.40 0.26
CA GLN A 337 11.53 23.84 1.05
CA GLN A 337 11.53 23.83 1.05
C GLN A 337 10.63 24.76 0.26
N PHE A 338 9.34 24.72 0.58
CA PHE A 338 8.38 25.65 0.04
C PHE A 338 7.96 26.74 1.02
N VAL A 339 7.43 27.83 0.46
CA VAL A 339 6.58 28.76 1.21
CA VAL A 339 6.63 28.75 1.20
C VAL A 339 5.23 28.79 0.56
N ARG A 340 4.20 28.90 1.40
CA ARG A 340 2.86 29.09 0.95
C ARG A 340 2.64 30.55 0.58
N ILE A 341 1.94 30.81 -0.51
CA ILE A 341 1.72 32.19 -0.95
C ILE A 341 0.26 32.45 -1.22
N SER A 342 -0.10 33.74 -1.31
CA SER A 342 -1.48 34.14 -1.62
C SER A 342 -1.57 34.42 -3.11
N GLY A 343 -2.75 34.79 -3.57
CA GLY A 343 -2.88 35.22 -4.95
C GLY A 343 -2.09 36.45 -5.31
N ALA A 344 -1.95 37.38 -4.36
CA ALA A 344 -1.07 38.55 -4.62
C ALA A 344 0.39 38.11 -4.84
N GLY A 345 0.83 37.10 -4.08
CA GLY A 345 2.19 36.59 -4.22
C GLY A 345 2.44 36.02 -5.61
N MET A 346 1.43 35.32 -6.16
CA MET A 346 1.55 34.79 -7.52
C MET A 346 1.50 35.87 -8.59
N LYS A 347 0.69 36.91 -8.38
CA LYS A 347 0.67 38.05 -9.31
C LYS A 347 2.00 38.78 -9.36
N GLU A 348 2.68 38.85 -8.23
CA GLU A 348 4.02 39.47 -8.17
C GLU A 348 5.03 38.62 -8.90
N SER A 349 4.83 37.29 -8.90
CA SER A 349 5.78 36.35 -9.49
C SER A 349 5.74 36.46 -11.00
N HIS A 350 4.55 36.63 -11.57
CA HIS A 350 4.43 36.88 -12.99
C HIS A 350 4.95 38.27 -13.36
N VAL A 351 5.02 38.56 -14.67
CA VAL A 351 5.24 39.93 -15.12
C VAL A 351 4.05 40.75 -14.67
N HIS A 352 4.30 41.99 -14.24
CA HIS A 352 3.19 42.83 -13.76
C HIS A 352 3.49 44.28 -14.03
N ASP A 353 2.44 45.02 -14.34
CA ASP A 353 2.52 46.51 -14.44
C ASP A 353 3.41 47.00 -15.58
N VAL A 354 3.54 46.19 -16.62
CA VAL A 354 4.37 46.52 -17.79
C VAL A 354 3.78 45.85 -19.01
N GLN A 355 3.91 46.51 -20.17
CA GLN A 355 3.52 45.93 -21.45
C GLN A 355 4.65 45.12 -22.11
N ILE A 356 4.38 43.84 -22.34
CA ILE A 356 5.34 42.92 -22.97
C ILE A 356 5.38 43.13 -24.48
N THR A 357 6.52 43.58 -25.01
CA THR A 357 6.66 43.86 -26.45
C THR A 357 7.26 42.67 -27.21
N LYS A 358 7.86 41.73 -26.48
CA LYS A 358 8.44 40.53 -27.09
C LYS A 358 8.10 39.31 -26.24
N GLU A 359 7.63 38.25 -26.88
CA GLU A 359 7.36 36.99 -26.18
C GLU A 359 8.67 36.21 -25.95
N ALA A 360 8.95 35.89 -24.68
CA ALA A 360 10.15 35.12 -24.34
C ALA A 360 9.89 33.63 -24.60
N PRO A 361 10.93 32.89 -25.03
CA PRO A 361 10.76 31.46 -25.37
C PRO A 361 10.32 30.54 -24.22
N ASN A 362 10.45 31.00 -22.98
CA ASN A 362 10.02 30.22 -21.82
C ASN A 362 8.89 30.90 -21.02
N TYR A 363 8.20 31.84 -21.66
CA TYR A 363 7.12 32.58 -21.00
C TYR A 363 5.97 32.92 -21.98
N ALA B 3 -26.34 -35.17 -13.00
CA ALA B 3 -26.21 -33.78 -12.44
C ALA B 3 -24.73 -33.47 -12.16
N MET B 4 -24.25 -32.32 -12.65
CA MET B 4 -22.84 -31.90 -12.45
C MET B 4 -22.71 -30.99 -11.22
N HIS B 5 -21.59 -31.10 -10.51
CA HIS B 5 -21.29 -30.15 -9.45
C HIS B 5 -22.39 -30.14 -8.40
N MET B 6 -22.86 -31.34 -8.01
CA MET B 6 -23.88 -31.31 -6.99
C MET B 6 -23.25 -30.96 -5.65
N LEU B 7 -21.97 -31.34 -5.45
CA LEU B 7 -21.29 -30.92 -4.19
C LEU B 7 -20.72 -29.53 -4.47
N ARG B 8 -21.18 -28.54 -3.72
CA ARG B 8 -20.86 -27.11 -3.97
C ARG B 8 -19.56 -26.78 -3.33
N ILE B 9 -18.46 -27.14 -3.98
CA ILE B 9 -17.12 -26.96 -3.43
C ILE B 9 -16.52 -25.78 -4.14
N ALA B 10 -16.22 -24.73 -3.40
CA ALA B 10 -15.79 -23.47 -3.97
C ALA B 10 -14.37 -23.56 -4.51
N LYS B 11 -13.53 -24.32 -3.81
CA LYS B 11 -12.08 -24.46 -4.10
C LYS B 11 -11.41 -25.20 -2.92
N GLU B 12 -10.15 -25.55 -3.06
CA GLU B 12 -9.37 -26.19 -2.03
C GLU B 12 -8.79 -25.05 -1.13
N ALA B 13 -8.61 -25.34 0.13
CA ALA B 13 -8.07 -24.36 1.02
C ALA B 13 -6.98 -25.00 1.88
N LEU B 14 -5.95 -24.21 2.15
CA LEU B 14 -4.70 -24.70 2.81
C LEU B 14 -4.45 -24.06 4.15
N THR B 15 -3.74 -24.80 5.01
CA THR B 15 -3.30 -24.34 6.29
CA THR B 15 -3.23 -24.12 6.19
C THR B 15 -1.75 -24.32 6.39
N PHE B 16 -1.24 -23.94 7.54
CA PHE B 16 0.18 -23.79 7.73
C PHE B 16 1.01 -25.02 7.33
N ASP B 17 0.57 -26.21 7.75
CA ASP B 17 1.36 -27.40 7.49
C ASP B 17 1.25 -27.87 6.03
N ASP B 18 0.44 -27.22 5.20
CA ASP B 18 0.33 -27.53 3.79
C ASP B 18 1.38 -26.80 2.93
N VAL B 19 2.13 -25.86 3.50
CA VAL B 19 3.04 -25.02 2.69
C VAL B 19 4.36 -24.77 3.39
N LEU B 20 5.40 -24.47 2.61
CA LEU B 20 6.67 -23.97 3.11
C LEU B 20 7.08 -22.80 2.28
N LEU B 21 7.88 -21.92 2.87
CA LEU B 21 8.44 -20.73 2.17
C LEU B 21 9.72 -21.11 1.44
N VAL B 22 9.91 -20.54 0.24
CA VAL B 22 11.02 -20.91 -0.61
C VAL B 22 12.19 -19.94 -0.34
N PRO B 23 13.37 -20.50 -0.05
CA PRO B 23 14.54 -19.61 0.13
C PRO B 23 14.90 -18.93 -1.16
N ALA B 24 15.50 -17.74 -1.06
CA ALA B 24 15.82 -16.95 -2.22
C ALA B 24 17.10 -16.17 -2.01
N HIS B 25 17.53 -15.50 -3.09
CA HIS B 25 18.73 -14.67 -2.98
C HIS B 25 18.55 -13.61 -1.95
N SER B 26 19.55 -13.43 -1.07
CA SER B 26 19.34 -12.59 0.07
C SER B 26 20.55 -11.73 0.41
N THR B 27 20.31 -10.45 0.59
CA THR B 27 21.25 -9.56 1.26
C THR B 27 20.85 -9.20 2.66
N VAL B 28 19.89 -9.94 3.22
CA VAL B 28 19.37 -9.71 4.52
C VAL B 28 19.98 -10.69 5.52
N LEU B 29 20.43 -10.17 6.66
CA LEU B 29 20.83 -11.03 7.75
C LEU B 29 19.78 -10.99 8.86
N PRO B 30 19.69 -12.03 9.64
CA PRO B 30 18.68 -12.00 10.68
C PRO B 30 18.75 -10.76 11.55
N ASN B 31 19.95 -10.28 11.92
CA ASN B 31 19.99 -9.11 12.78
CA ASN B 31 20.03 -9.09 12.77
C ASN B 31 19.70 -7.80 12.06
N THR B 32 19.66 -7.80 10.72
CA THR B 32 19.34 -6.62 9.92
C THR B 32 17.89 -6.58 9.44
N ALA B 33 17.18 -7.69 9.59
CA ALA B 33 15.78 -7.71 9.22
C ALA B 33 15.00 -6.65 9.96
N ASP B 34 14.04 -6.02 9.31
CA ASP B 34 13.24 -4.98 9.93
C ASP B 34 11.87 -5.58 10.25
N LEU B 35 11.57 -5.72 11.54
CA LEU B 35 10.31 -6.35 12.01
C LEU B 35 9.14 -5.40 12.14
N ARG B 36 9.33 -4.11 11.85
CA ARG B 36 8.27 -3.16 12.05
C ARG B 36 7.09 -3.44 11.12
N THR B 37 5.89 -3.17 11.64
CA THR B 37 4.70 -3.40 10.83
C THR B 37 3.56 -2.49 11.25
N ARG B 38 2.36 -2.75 10.73
CA ARG B 38 1.15 -1.99 11.03
CA ARG B 38 1.16 -1.99 11.08
C ARG B 38 0.14 -2.93 11.68
N LEU B 39 -0.48 -2.51 12.81
CA LEU B 39 -1.59 -3.22 13.41
C LEU B 39 -2.91 -2.77 12.75
N THR B 40 -3.06 -1.47 12.62
CA THR B 40 -4.26 -0.86 12.03
C THR B 40 -3.78 0.27 11.12
N LYS B 41 -4.74 0.90 10.45
CA LYS B 41 -4.43 2.01 9.55
C LYS B 41 -3.42 2.98 10.17
N ASN B 42 -3.68 3.36 11.43
CA ASN B 42 -2.92 4.42 12.13
C ASN B 42 -2.10 3.98 13.36
N ILE B 43 -1.96 2.68 13.57
CA ILE B 43 -1.11 2.18 14.67
C ILE B 43 -0.02 1.26 14.12
N ALA B 44 1.21 1.65 14.35
CA ALA B 44 2.38 0.86 13.97
C ALA B 44 2.78 -0.03 15.15
N LEU B 45 3.44 -1.15 14.85
CA LEU B 45 4.08 -1.98 15.87
C LEU B 45 5.53 -2.22 15.55
N ASN B 46 6.38 -2.38 16.56
CA ASN B 46 7.76 -2.71 16.30
C ASN B 46 8.01 -4.20 16.03
N ILE B 47 7.08 -5.06 16.44
CA ILE B 47 7.07 -6.49 16.06
C ILE B 47 5.66 -6.90 15.70
N PRO B 48 5.55 -7.94 14.85
CA PRO B 48 4.21 -8.28 14.32
C PRO B 48 3.39 -9.22 15.22
N MET B 49 3.34 -8.95 16.53
CA MET B 49 2.63 -9.86 17.44
CA MET B 49 2.70 -9.86 17.47
C MET B 49 1.68 -9.11 18.32
N VAL B 50 0.45 -9.64 18.41
CA VAL B 50 -0.52 -9.14 19.37
C VAL B 50 -1.10 -10.33 20.10
N SER B 51 -1.51 -10.10 21.35
CA SER B 51 -2.02 -11.16 22.18
C SER B 51 -3.54 -11.30 22.12
N ALA B 52 -4.00 -12.55 22.21
CA ALA B 52 -5.43 -12.86 22.16
C ALA B 52 -6.22 -12.25 23.32
N SER B 53 -7.43 -11.84 23.07
CA SER B 53 -8.31 -11.23 24.10
C SER B 53 -9.01 -12.34 24.88
N MET B 54 -8.23 -13.08 25.65
CA MET B 54 -8.70 -14.26 26.35
C MET B 54 -8.36 -14.12 27.83
N ASP B 55 -9.25 -14.63 28.66
CA ASP B 55 -9.09 -14.50 30.12
C ASP B 55 -8.00 -15.39 30.73
N THR B 56 -7.36 -16.19 29.88
CA THR B 56 -6.19 -16.98 30.25
C THR B 56 -4.93 -16.53 29.50
N VAL B 57 -5.01 -15.39 28.81
CA VAL B 57 -3.85 -14.87 28.05
C VAL B 57 -3.54 -13.40 28.38
N THR B 58 -4.51 -12.49 28.25
CA THR B 58 -4.19 -11.08 28.33
C THR B 58 -4.97 -10.30 29.40
N GLU B 59 -4.26 -9.99 30.47
CA GLU B 59 -4.63 -8.88 31.35
C GLU B 59 -3.51 -7.84 31.36
N ALA B 60 -3.57 -6.87 32.29
CA ALA B 60 -2.60 -5.79 32.26
C ALA B 60 -1.14 -6.24 32.28
N ARG B 61 -0.77 -7.21 33.11
CA ARG B 61 0.64 -7.62 33.21
C ARG B 61 1.20 -8.09 31.85
N LEU B 62 0.44 -8.92 31.16
CA LEU B 62 0.91 -9.44 29.84
C LEU B 62 0.91 -8.32 28.82
N ALA B 63 -0.10 -7.48 28.85
CA ALA B 63 -0.20 -6.37 27.89
C ALA B 63 0.97 -5.40 28.03
N ILE B 64 1.39 -5.15 29.26
CA ILE B 64 2.59 -4.30 29.50
C ILE B 64 3.87 -4.97 28.95
N ALA B 65 4.09 -6.22 29.30
CA ALA B 65 5.26 -6.94 28.91
C ALA B 65 5.36 -7.05 27.39
N LEU B 66 4.22 -7.31 26.76
CA LEU B 66 4.21 -7.39 25.30
C LEU B 66 4.45 -6.05 24.61
N ALA B 67 3.83 -4.99 25.12
CA ALA B 67 4.02 -3.63 24.56
C ALA B 67 5.46 -3.20 24.73
N GLN B 68 6.09 -3.59 25.85
CA GLN B 68 7.47 -3.27 26.04
C GLN B 68 8.38 -3.92 25.02
N GLU B 69 7.99 -5.08 24.50
CA GLU B 69 8.73 -5.75 23.44
C GLU B 69 8.32 -5.36 22.02
N GLY B 70 7.38 -4.45 21.85
CA GLY B 70 7.02 -3.91 20.55
C GLY B 70 5.68 -4.34 20.00
N GLY B 71 4.95 -5.15 20.76
CA GLY B 71 3.62 -5.62 20.34
C GLY B 71 2.51 -4.88 21.02
N ILE B 72 1.31 -5.44 20.99
CA ILE B 72 0.18 -4.84 21.70
CA ILE B 72 0.17 -4.83 21.70
CA ILE B 72 0.16 -4.84 21.72
C ILE B 72 -0.72 -5.95 22.27
N GLY B 73 -1.17 -5.77 23.51
CA GLY B 73 -2.12 -6.72 24.11
C GLY B 73 -3.56 -6.24 24.06
N PHE B 74 -4.49 -7.18 23.96
CA PHE B 74 -5.91 -6.90 24.02
C PHE B 74 -6.51 -7.39 25.34
N ILE B 75 -6.80 -6.46 26.23
CA ILE B 75 -7.45 -6.83 27.51
C ILE B 75 -8.79 -7.45 27.24
N HIS B 76 -9.03 -8.62 27.84
CA HIS B 76 -10.23 -9.37 27.60
C HIS B 76 -11.47 -8.71 28.27
N LYS B 77 -12.63 -9.13 27.79
CA LYS B 77 -13.94 -8.53 28.13
C LYS B 77 -14.60 -9.22 29.34
N ASN B 78 -14.04 -10.32 29.86
CA ASN B 78 -14.68 -11.09 30.95
C ASN B 78 -14.35 -10.52 32.33
N MET B 79 -14.67 -9.25 32.48
CA MET B 79 -14.52 -8.52 33.73
C MET B 79 -15.48 -7.35 33.68
N SER B 80 -15.70 -6.70 34.81
CA SER B 80 -16.55 -5.55 34.80
C SER B 80 -15.99 -4.41 33.94
N ILE B 81 -16.87 -3.51 33.55
CA ILE B 81 -16.47 -2.32 32.80
C ILE B 81 -15.42 -1.56 33.57
N GLU B 82 -15.67 -1.34 34.88
CA GLU B 82 -14.76 -0.56 35.67
CA GLU B 82 -14.77 -0.59 35.72
C GLU B 82 -13.40 -1.25 35.72
N GLN B 83 -13.40 -2.57 35.87
CA GLN B 83 -12.15 -3.34 35.94
C GLN B 83 -11.37 -3.24 34.63
N GLN B 84 -12.11 -3.34 33.54
CA GLN B 84 -11.45 -3.30 32.20
C GLN B 84 -10.86 -1.94 31.90
N ALA B 85 -11.61 -0.88 32.17
CA ALA B 85 -11.10 0.47 32.01
C ALA B 85 -9.88 0.72 32.90
N ALA B 86 -9.87 0.16 34.10
CA ALA B 86 -8.77 0.34 35.03
C ALA B 86 -7.49 -0.36 34.52
N GLN B 87 -7.67 -1.54 33.93
CA GLN B 87 -6.55 -2.25 33.35
C GLN B 87 -5.97 -1.52 32.13
N VAL B 88 -6.81 -0.97 31.28
CA VAL B 88 -6.35 -0.15 30.18
C VAL B 88 -5.49 0.99 30.74
N HIS B 89 -6.03 1.72 31.72
CA HIS B 89 -5.29 2.84 32.31
C HIS B 89 -3.95 2.38 32.86
N GLN B 90 -3.95 1.24 33.54
CA GLN B 90 -2.76 0.69 34.12
C GLN B 90 -1.65 0.45 33.10
N VAL B 91 -2.03 -0.05 31.92
CA VAL B 91 -1.06 -0.24 30.85
C VAL B 91 -0.56 1.12 30.31
N LYS B 92 -1.50 2.06 30.13
CA LYS B 92 -1.22 3.36 29.49
C LYS B 92 -0.21 4.12 30.35
N ILE B 93 -0.36 4.03 31.67
CA ILE B 93 0.51 4.81 32.55
C ILE B 93 1.82 4.11 32.86
N SER B 94 2.01 2.90 32.32
CA SER B 94 3.26 2.18 32.50
CA SER B 94 3.27 2.18 32.49
C SER B 94 4.32 2.56 31.45
N GLY B 95 4.51 3.86 31.21
CA GLY B 95 5.57 4.35 30.33
C GLY B 95 5.17 4.67 28.91
N GLY B 96 3.92 5.07 28.70
CA GLY B 96 3.48 5.52 27.40
C GLY B 96 3.29 4.35 26.43
N LEU B 97 2.80 3.25 26.98
CA LEU B 97 2.55 2.05 26.21
C LEU B 97 1.20 2.11 25.57
N ARG B 98 1.07 1.41 24.46
CA ARG B 98 -0.18 1.24 23.78
CA ARG B 98 -0.23 1.30 23.84
C ARG B 98 -0.90 0.00 24.27
N VAL B 99 -2.22 0.00 24.18
CA VAL B 99 -3.05 -1.10 24.62
C VAL B 99 -4.35 -1.18 23.84
N GLY B 100 -4.85 -2.41 23.68
CA GLY B 100 -6.14 -2.65 23.17
C GLY B 100 -7.10 -3.21 24.15
N ALA B 101 -8.36 -3.25 23.79
CA ALA B 101 -9.36 -3.89 24.65
C ALA B 101 -10.53 -4.41 23.84
N ALA B 102 -11.03 -5.56 24.23
CA ALA B 102 -12.15 -6.27 23.55
C ALA B 102 -13.51 -5.98 24.16
N VAL B 103 -14.52 -5.88 23.30
CA VAL B 103 -15.91 -5.95 23.71
C VAL B 103 -16.64 -6.99 22.89
N GLY B 104 -17.82 -7.38 23.36
CA GLY B 104 -18.57 -8.42 22.67
C GLY B 104 -19.29 -7.79 21.48
N ALA B 105 -19.77 -8.62 20.58
CA ALA B 105 -20.44 -8.10 19.39
C ALA B 105 -21.95 -8.10 19.58
N ALA B 106 -22.43 -8.63 20.71
CA ALA B 106 -23.87 -8.58 21.01
C ALA B 106 -24.25 -7.13 21.29
N PRO B 107 -25.53 -6.80 21.09
CA PRO B 107 -26.05 -5.47 21.42
C PRO B 107 -25.81 -5.13 22.88
N GLY B 108 -25.65 -3.85 23.17
CA GLY B 108 -25.60 -3.37 24.57
C GLY B 108 -24.23 -3.00 25.12
N ASN B 109 -23.21 -2.89 24.26
CA ASN B 109 -21.84 -2.62 24.75
C ASN B 109 -21.42 -1.15 24.71
N GLU B 110 -22.38 -0.25 24.51
CA GLU B 110 -22.05 1.14 24.32
C GLU B 110 -21.37 1.73 25.55
N GLU B 111 -21.88 1.39 26.74
CA GLU B 111 -21.33 1.90 27.98
C GLU B 111 -19.88 1.43 28.17
N ARG B 112 -19.62 0.15 27.89
CA ARG B 112 -18.26 -0.39 27.99
C ARG B 112 -17.29 0.32 27.03
N VAL B 113 -17.70 0.49 25.78
CA VAL B 113 -16.89 1.19 24.79
C VAL B 113 -16.56 2.60 25.25
N LYS B 114 -17.60 3.32 25.69
CA LYS B 114 -17.39 4.64 26.19
C LYS B 114 -16.34 4.71 27.31
N ALA B 115 -16.42 3.82 28.30
CA ALA B 115 -15.44 3.74 29.36
C ALA B 115 -14.03 3.42 28.90
N LEU B 116 -13.90 2.51 27.93
CA LEU B 116 -12.58 2.17 27.37
C LEU B 116 -11.94 3.33 26.64
N VAL B 117 -12.74 4.06 25.88
CA VAL B 117 -12.26 5.24 25.17
C VAL B 117 -11.82 6.30 26.18
N GLU B 118 -12.63 6.55 27.19
CA GLU B 118 -12.24 7.51 28.24
C GLU B 118 -10.98 7.14 29.01
N ALA B 119 -10.74 5.83 29.18
CA ALA B 119 -9.51 5.31 29.76
C ALA B 119 -8.23 5.42 28.86
N GLY B 120 -8.40 5.82 27.60
CA GLY B 120 -7.30 6.10 26.71
C GLY B 120 -6.95 4.89 25.84
N VAL B 121 -7.90 3.98 25.62
CA VAL B 121 -7.59 2.73 24.86
C VAL B 121 -7.13 3.14 23.46
N ASP B 122 -6.10 2.46 22.93
CA ASP B 122 -5.60 2.83 21.59
C ASP B 122 -6.37 2.22 20.48
N VAL B 123 -6.92 1.04 20.73
CA VAL B 123 -7.68 0.32 19.72
C VAL B 123 -8.73 -0.55 20.35
N LEU B 124 -9.91 -0.46 19.78
CA LEU B 124 -11.05 -1.20 20.20
C LEU B 124 -11.19 -2.42 19.32
N LEU B 125 -11.34 -3.57 19.95
CA LEU B 125 -11.66 -4.83 19.25
C LEU B 125 -13.07 -5.30 19.49
N ILE B 126 -13.89 -5.47 18.43
CA ILE B 126 -15.13 -6.25 18.58
C ILE B 126 -14.82 -7.77 18.46
N ASP B 127 -14.86 -8.50 19.56
CA ASP B 127 -14.26 -9.86 19.69
C ASP B 127 -15.26 -11.03 19.37
N SER B 128 -15.21 -11.60 18.16
CA SER B 128 -16.30 -12.50 17.68
C SER B 128 -15.96 -13.38 16.50
N SER B 129 -16.60 -14.56 16.32
CA SER B 129 -16.52 -15.27 15.01
C SER B 129 -17.47 -14.72 13.99
N HIS B 130 -18.33 -13.83 14.42
CA HIS B 130 -19.37 -13.41 13.49
C HIS B 130 -19.11 -12.20 12.71
N GLY B 131 -17.89 -11.99 12.20
CA GLY B 131 -17.59 -10.75 11.51
C GLY B 131 -18.46 -10.45 10.32
N HIS B 132 -18.97 -11.47 9.66
CA HIS B 132 -19.83 -11.23 8.52
C HIS B 132 -21.31 -11.24 8.90
N SER B 133 -21.65 -11.22 10.20
CA SER B 133 -23.04 -11.08 10.63
CA SER B 133 -23.05 -11.07 10.57
C SER B 133 -23.49 -9.62 10.48
N GLU B 134 -24.68 -9.42 9.95
CA GLU B 134 -25.19 -8.06 9.72
C GLU B 134 -25.26 -7.26 11.00
N GLY B 135 -25.59 -7.91 12.10
CA GLY B 135 -25.65 -7.20 13.39
C GLY B 135 -24.31 -6.66 13.82
N VAL B 136 -23.25 -7.42 13.60
CA VAL B 136 -21.91 -7.02 13.91
C VAL B 136 -21.50 -5.83 12.99
N LEU B 137 -21.79 -5.95 11.69
CA LEU B 137 -21.46 -4.90 10.76
C LEU B 137 -22.19 -3.61 11.15
N GLN B 138 -23.45 -3.74 11.54
CA GLN B 138 -24.24 -2.56 11.94
C GLN B 138 -23.63 -1.95 13.19
N ARG B 139 -23.18 -2.76 14.12
CA ARG B 139 -22.54 -2.24 15.30
C ARG B 139 -21.16 -1.59 15.06
N ILE B 140 -20.45 -2.09 14.07
CA ILE B 140 -19.21 -1.43 13.69
C ILE B 140 -19.52 -0.05 13.10
N ARG B 141 -20.52 0.01 12.22
CA ARG B 141 -20.95 1.28 11.61
C ARG B 141 -21.34 2.28 12.70
N GLU B 142 -22.09 1.80 13.69
CA GLU B 142 -22.52 2.67 14.80
C GLU B 142 -21.38 3.18 15.64
N THR B 143 -20.41 2.31 15.92
CA THR B 143 -19.24 2.70 16.70
C THR B 143 -18.35 3.67 15.92
N ARG B 144 -18.18 3.43 14.64
CA ARG B 144 -17.39 4.30 13.81
C ARG B 144 -18.03 5.72 13.76
N ALA B 145 -19.35 5.78 13.70
CA ALA B 145 -20.05 7.09 13.66
C ALA B 145 -19.90 7.80 15.00
N ALA B 146 -19.91 7.06 16.08
CA ALA B 146 -19.81 7.65 17.41
C ALA B 146 -18.39 8.12 17.70
N TYR B 147 -17.40 7.42 17.14
CA TYR B 147 -15.99 7.65 17.46
C TYR B 147 -15.24 7.66 16.18
N PRO B 148 -15.33 8.74 15.41
CA PRO B 148 -14.77 8.83 14.10
C PRO B 148 -13.27 8.64 14.01
N HIS B 149 -12.53 8.86 15.11
CA HIS B 149 -11.08 8.70 15.05
C HIS B 149 -10.57 7.54 15.88
N LEU B 150 -11.46 6.67 16.33
CA LEU B 150 -11.07 5.50 17.09
C LEU B 150 -10.57 4.39 16.16
N GLU B 151 -9.42 3.80 16.45
CA GLU B 151 -9.00 2.61 15.67
C GLU B 151 -9.87 1.43 16.10
N ILE B 152 -10.47 0.75 15.13
CA ILE B 152 -11.44 -0.27 15.40
C ILE B 152 -10.99 -1.53 14.63
N ILE B 153 -10.92 -2.66 15.35
CA ILE B 153 -10.78 -3.99 14.67
C ILE B 153 -12.09 -4.74 14.79
N GLY B 154 -12.68 -5.33 13.69
CA GLY B 154 -14.05 -5.99 13.78
C GLY B 154 -14.18 -7.55 14.10
N GLY B 155 -15.37 -8.20 14.20
CA GLY B 155 -15.40 -9.77 14.41
C GLY B 155 -14.53 -10.43 13.44
N ASN B 156 -14.23 -11.70 13.61
CA ASN B 156 -13.34 -12.34 12.65
C ASN B 156 -14.07 -12.77 11.38
N VAL B 157 -13.33 -12.84 10.29
CA VAL B 157 -13.83 -13.34 9.03
C VAL B 157 -12.85 -14.34 8.46
N ALA B 158 -13.27 -15.05 7.39
CA ALA B 158 -12.39 -16.00 6.76
C ALA B 158 -12.50 -16.01 5.26
N THR B 159 -13.02 -14.92 4.69
CA THR B 159 -13.26 -14.82 3.27
C THR B 159 -13.00 -13.41 2.76
N ALA B 160 -12.87 -13.32 1.45
CA ALA B 160 -12.72 -12.03 0.79
C ALA B 160 -13.96 -11.15 1.01
N GLU B 161 -15.15 -11.69 0.85
CA GLU B 161 -16.33 -10.87 1.00
CA GLU B 161 -16.34 -10.90 0.99
C GLU B 161 -16.54 -10.43 2.43
N GLY B 162 -16.15 -11.27 3.41
CA GLY B 162 -16.23 -10.83 4.78
C GLY B 162 -15.30 -9.66 5.08
N ALA B 163 -14.07 -9.76 4.58
CA ALA B 163 -13.11 -8.68 4.68
C ALA B 163 -13.67 -7.40 4.06
N ARG B 164 -14.25 -7.54 2.89
CA ARG B 164 -14.80 -6.35 2.23
C ARG B 164 -15.91 -5.69 3.05
N ALA B 165 -16.78 -6.50 3.61
CA ALA B 165 -17.88 -6.00 4.41
C ALA B 165 -17.39 -5.25 5.64
N LEU B 166 -16.41 -5.80 6.35
CA LEU B 166 -15.81 -5.13 7.47
C LEU B 166 -15.18 -3.77 7.09
N ILE B 167 -14.45 -3.75 5.99
CA ILE B 167 -13.84 -2.53 5.52
C ILE B 167 -14.86 -1.49 5.16
N GLU B 168 -15.87 -1.91 4.44
CA GLU B 168 -16.94 -0.96 4.11
C GLU B 168 -17.72 -0.45 5.31
N ALA B 169 -17.76 -1.20 6.42
CA ALA B 169 -18.38 -0.78 7.66
C ALA B 169 -17.54 0.20 8.47
N GLY B 170 -16.27 0.32 8.14
CA GLY B 170 -15.39 1.29 8.70
C GLY B 170 -14.28 0.81 9.59
N VAL B 171 -13.91 -0.47 9.52
CA VAL B 171 -12.84 -0.93 10.37
C VAL B 171 -11.47 -0.39 9.94
N SER B 172 -10.54 -0.41 10.91
CA SER B 172 -9.17 0.03 10.76
C SER B 172 -8.18 -1.13 10.46
N ALA B 173 -8.66 -2.35 10.71
CA ALA B 173 -7.93 -3.59 10.40
C ALA B 173 -8.94 -4.70 10.33
N VAL B 174 -8.59 -5.77 9.62
CA VAL B 174 -9.42 -6.95 9.45
C VAL B 174 -8.78 -8.11 10.17
N LYS B 175 -9.51 -8.74 11.08
CA LYS B 175 -8.93 -9.93 11.73
C LYS B 175 -9.53 -11.20 11.18
N VAL B 176 -8.64 -12.14 10.85
CA VAL B 176 -8.98 -13.38 10.16
C VAL B 176 -8.81 -14.59 11.04
N GLY B 177 -9.81 -15.43 11.04
CA GLY B 177 -9.74 -16.73 11.74
C GLY B 177 -11.10 -17.20 12.23
N ILE B 178 -11.62 -18.26 11.57
CA ILE B 178 -12.81 -18.94 12.04
C ILE B 178 -12.46 -20.43 12.35
N GLY B 179 -12.32 -20.68 13.63
CA GLY B 179 -11.95 -21.98 14.18
C GLY B 179 -10.54 -22.54 14.19
N PRO B 180 -9.49 -21.82 13.71
CA PRO B 180 -8.15 -22.45 13.73
C PRO B 180 -7.52 -22.55 15.12
N GLY B 181 -8.10 -21.91 16.12
CA GLY B 181 -7.44 -21.80 17.39
C GLY B 181 -7.19 -23.15 18.05
N SER B 182 -6.09 -23.25 18.78
CA SER B 182 -5.71 -24.47 19.50
C SER B 182 -6.81 -25.07 20.40
N ILE B 183 -7.47 -24.20 21.17
CA ILE B 183 -8.49 -24.60 22.17
C ILE B 183 -9.92 -24.54 21.69
N CYS B 184 -10.08 -24.46 20.39
CA CYS B 184 -11.34 -24.14 19.87
C CYS B 184 -11.88 -25.26 19.00
N THR B 185 -13.19 -25.39 19.08
CA THR B 185 -13.93 -26.44 18.47
C THR B 185 -15.04 -25.96 17.50
N THR B 186 -15.10 -24.68 17.18
CA THR B 186 -16.09 -24.18 16.24
C THR B 186 -16.22 -25.03 14.99
N ARG B 187 -15.11 -25.41 14.35
CA ARG B 187 -15.25 -26.12 13.09
C ARG B 187 -15.84 -27.52 13.30
N ILE B 188 -15.58 -28.11 14.44
CA ILE B 188 -16.09 -29.44 14.73
C ILE B 188 -17.57 -29.42 15.14
N VAL B 189 -17.94 -28.44 15.94
CA VAL B 189 -19.30 -28.26 16.49
CA VAL B 189 -19.32 -28.43 16.39
C VAL B 189 -20.26 -27.77 15.39
N THR B 190 -19.76 -26.90 14.53
CA THR B 190 -20.60 -26.26 13.52
C THR B 190 -20.40 -26.74 12.11
N GLY B 191 -19.23 -27.27 11.84
CA GLY B 191 -18.85 -27.64 10.48
C GLY B 191 -18.32 -26.51 9.64
N VAL B 192 -18.20 -25.32 10.21
CA VAL B 192 -17.87 -24.12 9.44
C VAL B 192 -16.46 -23.66 9.72
N GLY B 193 -15.75 -23.28 8.67
CA GLY B 193 -14.47 -22.61 8.81
C GLY B 193 -13.67 -22.69 7.54
N VAL B 194 -12.54 -21.98 7.51
CA VAL B 194 -11.65 -22.03 6.35
C VAL B 194 -10.24 -22.15 6.84
N PRO B 195 -9.49 -23.16 6.33
CA PRO B 195 -8.06 -23.28 6.65
C PRO B 195 -7.32 -21.95 6.58
N GLN B 196 -6.49 -21.72 7.59
CA GLN B 196 -6.07 -20.36 7.91
C GLN B 196 -5.22 -19.68 6.84
N ILE B 197 -4.35 -20.40 6.15
CA ILE B 197 -3.50 -19.74 5.16
C ILE B 197 -4.33 -19.16 4.01
N THR B 198 -5.21 -19.99 3.45
CA THR B 198 -6.16 -19.53 2.46
C THR B 198 -7.02 -18.40 2.97
N ALA B 199 -7.48 -18.47 4.20
CA ALA B 199 -8.36 -17.41 4.75
C ALA B 199 -7.62 -16.05 4.74
N ILE B 200 -6.36 -16.05 5.20
CA ILE B 200 -5.54 -14.85 5.24
C ILE B 200 -5.40 -14.27 3.85
N ALA B 201 -4.97 -15.11 2.91
CA ALA B 201 -4.74 -14.64 1.56
C ALA B 201 -6.00 -14.07 0.93
N ASP B 202 -7.13 -14.75 1.15
CA ASP B 202 -8.40 -14.26 0.60
C ASP B 202 -8.76 -12.89 1.19
N ALA B 203 -8.58 -12.69 2.48
CA ALA B 203 -8.88 -11.40 3.12
C ALA B 203 -7.88 -10.32 2.61
N ALA B 204 -6.61 -10.69 2.49
CA ALA B 204 -5.57 -9.74 2.00
C ALA B 204 -5.83 -9.32 0.57
N GLY B 205 -6.44 -10.19 -0.26
CA GLY B 205 -6.72 -9.79 -1.63
C GLY B 205 -7.59 -8.59 -1.72
N VAL B 206 -8.51 -8.48 -0.79
CA VAL B 206 -9.34 -7.29 -0.68
C VAL B 206 -8.65 -6.18 0.07
N ALA B 207 -8.17 -6.49 1.27
CA ALA B 207 -7.62 -5.47 2.16
C ALA B 207 -6.44 -4.71 1.53
N ASN B 208 -5.64 -5.40 0.72
CA ASN B 208 -4.51 -4.77 0.05
C ASN B 208 -4.93 -3.69 -0.92
N GLU B 209 -6.18 -3.72 -1.37
CA GLU B 209 -6.65 -2.63 -2.25
C GLU B 209 -6.98 -1.34 -1.50
N TYR B 210 -7.13 -1.41 -0.17
CA TYR B 210 -7.45 -0.29 0.68
C TYR B 210 -6.34 0.16 1.63
N GLY B 211 -5.23 -0.60 1.68
CA GLY B 211 -4.17 -0.36 2.65
C GLY B 211 -4.55 -0.70 4.07
N ILE B 212 -5.47 -1.64 4.23
CA ILE B 212 -5.97 -2.00 5.56
C ILE B 212 -5.24 -3.26 6.02
N PRO B 213 -4.62 -3.18 7.22
CA PRO B 213 -3.88 -4.38 7.67
C PRO B 213 -4.78 -5.56 7.97
N VAL B 214 -4.24 -6.76 7.74
CA VAL B 214 -4.89 -8.03 8.07
C VAL B 214 -4.15 -8.65 9.27
N ILE B 215 -4.89 -9.08 10.29
CA ILE B 215 -4.33 -9.71 11.48
C ILE B 215 -4.72 -11.19 11.39
N ALA B 216 -3.70 -12.06 11.42
CA ALA B 216 -3.92 -13.53 11.36
C ALA B 216 -4.10 -14.07 12.77
N ASP B 217 -5.32 -14.46 13.08
CA ASP B 217 -5.70 -14.85 14.47
C ASP B 217 -6.01 -16.33 14.60
N GLY B 218 -5.09 -17.06 15.25
CA GLY B 218 -5.34 -18.47 15.60
C GLY B 218 -4.58 -19.47 14.81
N GLY B 219 -4.24 -20.61 15.40
CA GLY B 219 -3.56 -21.66 14.69
C GLY B 219 -2.04 -21.61 14.64
N ILE B 220 -1.46 -20.53 15.19
CA ILE B 220 -0.02 -20.34 15.22
CA ILE B 220 -0.02 -20.41 15.17
C ILE B 220 0.55 -21.25 16.32
N ARG B 221 1.40 -22.17 15.94
CA ARG B 221 1.93 -23.16 16.91
C ARG B 221 3.42 -22.99 17.13
N PHE B 222 4.15 -22.70 16.05
CA PHE B 222 5.59 -22.53 16.02
C PHE B 222 5.95 -21.23 15.34
N SER B 223 7.17 -20.73 15.58
CA SER B 223 7.56 -19.48 15.00
C SER B 223 7.48 -19.45 13.49
N GLY B 224 7.74 -20.59 12.87
CA GLY B 224 7.61 -20.72 11.39
C GLY B 224 6.20 -20.42 10.90
N ASP B 225 5.19 -20.62 11.75
CA ASP B 225 3.82 -20.32 11.37
C ASP B 225 3.59 -18.80 11.28
N ILE B 226 4.31 -18.01 12.08
CA ILE B 226 4.27 -16.55 12.02
C ILE B 226 4.74 -16.12 10.61
N SER B 227 5.87 -16.66 10.18
CA SER B 227 6.41 -16.34 8.87
C SER B 227 5.41 -16.66 7.78
N LYS B 228 4.83 -17.83 7.86
CA LYS B 228 3.82 -18.28 6.88
C LYS B 228 2.60 -17.38 6.86
N ALA B 229 2.09 -17.03 8.04
CA ALA B 229 0.91 -16.12 8.10
C ALA B 229 1.17 -14.77 7.47
N ILE B 230 2.37 -14.24 7.71
CA ILE B 230 2.76 -12.99 7.10
C ILE B 230 2.84 -13.12 5.57
N ALA B 231 3.53 -14.15 5.10
CA ALA B 231 3.68 -14.35 3.66
C ALA B 231 2.35 -14.59 2.95
N ALA B 232 1.38 -15.15 3.68
CA ALA B 232 0.02 -15.33 3.16
C ALA B 232 -0.73 -14.02 3.03
N GLY B 233 -0.25 -12.97 3.66
CA GLY B 233 -0.88 -11.65 3.56
C GLY B 233 -1.05 -10.85 4.84
N ALA B 234 -0.77 -11.46 5.98
CA ALA B 234 -1.04 -10.78 7.26
C ALA B 234 0.03 -9.76 7.54
N SER B 235 -0.39 -8.65 8.14
CA SER B 235 0.54 -7.63 8.68
C SER B 235 1.05 -7.98 10.07
N CYS B 236 0.25 -8.74 10.81
CA CYS B 236 0.50 -9.03 12.19
CA CYS B 236 0.70 -9.22 12.10
C CYS B 236 -0.17 -10.37 12.49
N VAL B 237 0.26 -11.03 13.57
CA VAL B 237 -0.41 -12.24 14.05
C VAL B 237 -0.94 -12.05 15.45
N MET B 238 -2.03 -12.71 15.74
CA MET B 238 -2.59 -12.74 17.07
C MET B 238 -2.45 -14.16 17.60
N VAL B 239 -1.94 -14.27 18.84
CA VAL B 239 -1.65 -15.59 19.41
C VAL B 239 -2.24 -15.71 20.81
N GLY B 240 -2.78 -16.90 21.06
CA GLY B 240 -3.23 -17.30 22.36
C GLY B 240 -2.28 -18.33 22.95
N SER B 241 -2.25 -19.54 22.38
CA SER B 241 -1.45 -20.70 22.86
CA SER B 241 -1.48 -20.63 22.99
C SER B 241 0.01 -20.31 23.12
N MET B 242 0.58 -19.58 22.18
CA MET B 242 2.00 -19.25 22.22
CA MET B 242 2.03 -19.35 22.24
C MET B 242 2.39 -18.45 23.44
N PHE B 243 1.45 -17.66 23.97
CA PHE B 243 1.69 -16.80 25.15
C PHE B 243 1.05 -17.38 26.40
N ALA B 244 0.07 -18.28 26.23
CA ALA B 244 -0.53 -18.94 27.37
C ALA B 244 0.56 -19.70 28.12
N GLY B 245 0.42 -19.71 29.43
CA GLY B 245 1.41 -20.45 30.21
C GLY B 245 2.61 -19.65 30.56
N THR B 246 2.72 -18.40 30.07
CA THR B 246 3.81 -17.53 30.49
C THR B 246 3.53 -17.03 31.90
N GLU B 247 4.61 -16.54 32.53
CA GLU B 247 4.50 -16.03 33.90
C GLU B 247 3.55 -14.84 33.94
N GLU B 248 3.55 -14.05 32.85
CA GLU B 248 2.73 -12.85 32.84
C GLU B 248 1.28 -13.06 32.46
N ALA B 249 0.95 -14.18 31.85
CA ALA B 249 -0.45 -14.52 31.56
C ALA B 249 -1.22 -14.63 32.86
N PRO B 250 -2.53 -14.41 32.83
CA PRO B 250 -3.33 -14.61 34.04
C PRO B 250 -3.28 -16.05 34.52
N GLY B 251 -3.54 -16.21 35.82
CA GLY B 251 -3.66 -17.56 36.36
C GLY B 251 -2.44 -17.96 37.16
N GLU B 252 -2.66 -18.85 38.11
CA GLU B 252 -1.54 -19.37 38.86
C GLU B 252 -0.91 -20.60 38.20
N VAL B 253 0.29 -20.96 38.66
CA VAL B 253 0.93 -22.18 38.24
C VAL B 253 0.25 -23.39 38.91
N ILE B 254 0.04 -24.42 38.10
CA ILE B 254 -0.59 -25.65 38.49
C ILE B 254 0.43 -26.77 38.37
N LEU B 255 0.55 -27.58 39.41
CA LEU B 255 1.42 -28.74 39.36
C LEU B 255 0.51 -29.92 39.04
N TYR B 256 0.82 -30.63 37.94
CA TYR B 256 0.05 -31.80 37.53
C TYR B 256 1.00 -32.88 37.05
N GLN B 257 0.93 -34.04 37.70
CA GLN B 257 1.82 -35.17 37.40
C GLN B 257 3.28 -34.75 37.27
N GLY B 258 3.76 -34.00 38.24
CA GLY B 258 5.18 -33.67 38.33
C GLY B 258 5.63 -32.48 37.52
N ARG B 259 4.74 -31.94 36.68
CA ARG B 259 5.10 -30.84 35.79
C ARG B 259 4.21 -29.62 36.02
N SER B 260 4.72 -28.48 35.60
CA SER B 260 4.05 -27.21 35.83
C SER B 260 3.30 -26.77 34.59
N TYR B 261 2.11 -26.21 34.83
CA TYR B 261 1.18 -25.77 33.77
C TYR B 261 0.50 -24.48 34.21
N LYS B 262 -0.20 -23.84 33.27
CA LYS B 262 -1.27 -22.91 33.57
C LYS B 262 -2.52 -23.28 32.80
N ALA B 263 -3.65 -22.84 33.30
CA ALA B 263 -4.91 -23.07 32.57
C ALA B 263 -4.90 -22.29 31.29
N TYR B 264 -5.48 -22.89 30.25
CA TYR B 264 -5.70 -22.18 28.97
C TYR B 264 -7.04 -22.69 28.48
N ARG B 265 -7.96 -21.80 28.19
CA ARG B 265 -9.31 -22.21 27.81
C ARG B 265 -9.90 -21.30 26.73
N GLY B 266 -10.75 -21.91 25.92
CA GLY B 266 -11.47 -21.13 24.93
C GLY B 266 -12.39 -20.15 25.59
N MET B 267 -12.60 -19.01 24.94
CA MET B 267 -13.57 -18.03 25.42
C MET B 267 -15.00 -18.46 25.17
N GLY B 268 -15.19 -19.47 24.31
CA GLY B 268 -16.47 -20.19 24.10
C GLY B 268 -16.56 -21.48 24.89
N SER B 269 -15.65 -21.68 25.85
CA SER B 269 -15.72 -22.87 26.74
C SER B 269 -16.75 -22.62 27.84
N LEU B 270 -17.29 -23.71 28.39
CA LEU B 270 -18.29 -23.58 29.45
C LEU B 270 -17.75 -22.75 30.61
N GLY B 271 -16.52 -23.03 31.02
CA GLY B 271 -15.83 -22.27 32.07
C GLY B 271 -15.75 -20.76 31.86
N ALA B 272 -15.36 -20.37 30.64
CA ALA B 272 -15.22 -18.96 30.30
C ALA B 272 -16.58 -18.31 30.21
N MET B 273 -17.59 -19.03 29.70
CA MET B 273 -18.91 -18.43 29.57
C MET B 273 -19.62 -18.37 30.92
N SER B 274 -19.04 -19.05 31.92
CA SER B 274 -19.46 -19.06 33.34
C SER B 274 -20.47 -20.16 33.53
N LYS B 290 -27.65 -25.88 29.14
CA LYS B 290 -28.18 -24.85 28.25
C LYS B 290 -27.13 -24.38 27.23
N LEU B 291 -25.91 -24.06 27.70
CA LEU B 291 -24.89 -23.53 26.78
C LEU B 291 -24.33 -24.62 25.89
N VAL B 292 -24.08 -24.23 24.65
CA VAL B 292 -23.46 -25.10 23.65
C VAL B 292 -22.08 -24.48 23.37
N PRO B 293 -21.01 -25.09 23.90
CA PRO B 293 -19.69 -24.44 23.82
C PRO B 293 -19.02 -24.58 22.48
N GLU B 294 -18.12 -23.65 22.20
CA GLU B 294 -17.31 -23.76 20.95
C GLU B 294 -15.83 -23.71 21.29
N GLY B 295 -15.49 -24.00 22.56
CA GLY B 295 -14.12 -24.25 22.91
C GLY B 295 -14.03 -25.17 24.14
N ILE B 296 -12.80 -25.48 24.51
CA ILE B 296 -12.54 -26.43 25.60
C ILE B 296 -11.72 -25.76 26.68
N GLU B 297 -11.67 -26.44 27.85
CA GLU B 297 -10.84 -26.03 28.94
C GLU B 297 -9.61 -26.95 28.96
N GLY B 298 -8.44 -26.33 29.05
CA GLY B 298 -7.18 -27.07 28.96
C GLY B 298 -6.13 -26.56 29.93
N ARG B 299 -4.99 -27.20 29.82
CA ARG B 299 -3.80 -26.81 30.52
C ARG B 299 -2.67 -26.81 29.52
N ILE B 300 -1.74 -25.92 29.75
CA ILE B 300 -0.63 -25.79 28.87
C ILE B 300 0.63 -25.68 29.69
N ALA B 301 1.72 -26.28 29.21
CA ALA B 301 2.97 -26.27 29.97
C ALA B 301 3.43 -24.86 30.32
N TYR B 302 3.98 -24.67 31.52
CA TYR B 302 4.50 -23.38 31.91
C TYR B 302 5.70 -23.01 31.05
N LYS B 303 5.73 -21.77 30.60
CA LYS B 303 6.68 -21.35 29.60
C LYS B 303 7.72 -20.40 30.14
N GLY B 304 7.62 -20.00 31.41
CA GLY B 304 8.44 -18.91 31.93
C GLY B 304 8.10 -17.53 31.37
N HIS B 305 9.06 -16.60 31.33
CA HIS B 305 8.75 -15.20 31.09
C HIS B 305 8.48 -14.94 29.62
N LEU B 306 7.53 -14.06 29.37
CA LEU B 306 7.11 -13.73 28.00
C LEU B 306 8.22 -13.16 27.16
N LYS B 307 9.11 -12.36 27.76
CA LYS B 307 10.15 -11.73 26.99
C LYS B 307 11.01 -12.75 26.25
N GLU B 308 11.30 -13.86 26.91
CA GLU B 308 12.12 -14.90 26.35
CA GLU B 308 12.12 -14.91 26.33
C GLU B 308 11.39 -15.65 25.22
N ILE B 309 10.09 -15.87 25.39
CA ILE B 309 9.26 -16.47 24.31
C ILE B 309 9.26 -15.57 23.07
N ILE B 310 9.07 -14.27 23.26
CA ILE B 310 9.07 -13.31 22.14
C ILE B 310 10.40 -13.34 21.43
N HIS B 311 11.50 -13.37 22.21
CA HIS B 311 12.80 -13.40 21.60
C HIS B 311 12.98 -14.61 20.71
N GLN B 312 12.52 -15.77 21.17
CA GLN B 312 12.59 -16.98 20.38
C GLN B 312 11.76 -16.86 19.11
N GLN B 313 10.54 -16.38 19.24
CA GLN B 313 9.66 -16.33 18.10
CA GLN B 313 9.62 -16.26 18.09
C GLN B 313 10.17 -15.36 17.04
N MET B 314 10.60 -14.20 17.47
CA MET B 314 11.12 -13.20 16.57
C MET B 314 12.46 -13.63 16.00
N GLY B 315 13.24 -14.42 16.72
CA GLY B 315 14.44 -15.01 16.18
C GLY B 315 14.14 -15.89 14.99
N GLY B 316 13.07 -16.68 15.06
CA GLY B 316 12.68 -17.51 13.93
C GLY B 316 12.23 -16.71 12.75
N LEU B 317 11.43 -15.70 13.01
CA LEU B 317 11.04 -14.78 11.94
C LEU B 317 12.24 -14.08 11.29
N ARG B 318 13.17 -13.56 12.10
CA ARG B 318 14.39 -12.96 11.53
C ARG B 318 15.15 -13.92 10.64
N SER B 319 15.28 -15.16 11.09
CA SER B 319 15.99 -16.15 10.29
CA SER B 319 15.98 -16.18 10.31
C SER B 319 15.24 -16.42 8.98
N CYS B 320 13.90 -16.54 9.04
CA CYS B 320 13.10 -16.62 7.80
C CYS B 320 13.42 -15.48 6.85
N MET B 321 13.40 -14.27 7.37
CA MET B 321 13.62 -13.09 6.51
C MET B 321 15.01 -13.13 5.85
N GLY B 322 16.01 -13.59 6.61
CA GLY B 322 17.33 -13.82 6.04
C GLY B 322 17.35 -14.85 4.94
N LEU B 323 16.61 -15.95 5.13
CA LEU B 323 16.50 -17.00 4.12
C LEU B 323 15.73 -16.65 2.87
N THR B 324 14.70 -15.81 3.04
CA THR B 324 13.84 -15.41 1.89
C THR B 324 14.33 -14.12 1.22
N GLY B 325 15.34 -13.47 1.79
CA GLY B 325 15.76 -12.16 1.27
C GLY B 325 14.73 -11.09 1.49
N SER B 326 13.93 -11.20 2.56
CA SER B 326 12.91 -10.19 2.85
C SER B 326 13.44 -9.14 3.80
N ALA B 327 13.70 -7.92 3.33
CA ALA B 327 14.28 -6.92 4.20
C ALA B 327 13.29 -6.40 5.26
N THR B 328 12.00 -6.36 4.88
CA THR B 328 10.92 -5.78 5.68
C THR B 328 9.75 -6.75 5.68
N VAL B 329 8.83 -6.52 6.62
CA VAL B 329 7.63 -7.31 6.72
C VAL B 329 6.83 -7.21 5.44
N GLU B 330 6.72 -6.02 4.83
CA GLU B 330 5.99 -5.94 3.57
C GLU B 330 6.62 -6.79 2.49
N ASP B 331 7.96 -6.91 2.46
CA ASP B 331 8.59 -7.79 1.49
C ASP B 331 8.16 -9.26 1.68
N LEU B 332 8.17 -9.70 2.93
CA LEU B 332 7.72 -11.05 3.22
C LEU B 332 6.26 -11.25 2.82
N ARG B 333 5.48 -10.23 3.12
CA ARG B 333 4.02 -10.24 2.96
C ARG B 333 3.54 -10.23 1.52
N THR B 334 4.34 -9.64 0.62
CA THR B 334 3.89 -9.47 -0.76
C THR B 334 4.77 -10.12 -1.81
N LYS B 335 6.01 -10.53 -1.46
CA LYS B 335 6.96 -11.05 -2.42
C LYS B 335 7.40 -12.50 -2.18
N ALA B 336 7.40 -12.96 -0.96
CA ALA B 336 7.95 -14.32 -0.73
C ALA B 336 7.03 -15.38 -1.32
N GLN B 337 7.60 -16.48 -1.77
CA GLN B 337 6.85 -17.54 -2.42
CA GLN B 337 6.87 -17.56 -2.43
C GLN B 337 6.73 -18.77 -1.53
N PHE B 338 5.66 -19.51 -1.74
CA PHE B 338 5.44 -20.81 -1.09
C PHE B 338 5.59 -21.97 -2.06
N VAL B 339 5.90 -23.16 -1.54
CA VAL B 339 5.61 -24.42 -2.21
C VAL B 339 4.57 -25.18 -1.40
N ARG B 340 3.68 -25.87 -2.12
CA ARG B 340 2.72 -26.76 -1.50
C ARG B 340 3.41 -28.08 -1.21
N ILE B 341 3.16 -28.63 -0.05
CA ILE B 341 3.79 -29.88 0.37
C ILE B 341 2.77 -30.95 0.76
N SER B 342 3.23 -32.20 0.81
CA SER B 342 2.44 -33.31 1.31
C SER B 342 2.66 -33.52 2.80
N GLY B 343 1.90 -34.45 3.35
CA GLY B 343 2.19 -34.90 4.71
C GLY B 343 3.56 -35.44 4.98
N ALA B 344 4.13 -36.16 4.01
CA ALA B 344 5.51 -36.57 4.10
C ALA B 344 6.48 -35.41 4.15
N GLY B 345 6.23 -34.37 3.36
CA GLY B 345 6.99 -33.14 3.41
C GLY B 345 6.97 -32.50 4.78
N MET B 346 5.81 -32.54 5.45
CA MET B 346 5.74 -31.96 6.77
C MET B 346 6.45 -32.86 7.79
N LYS B 347 6.34 -34.17 7.66
CA LYS B 347 7.07 -35.06 8.59
CA LYS B 347 7.08 -35.05 8.60
C LYS B 347 8.58 -34.88 8.48
N GLU B 348 9.07 -34.64 7.27
CA GLU B 348 10.51 -34.36 7.06
C GLU B 348 10.94 -33.05 7.69
N SER B 349 10.00 -32.08 7.76
CA SER B 349 10.29 -30.77 8.26
C SER B 349 10.49 -30.83 9.75
N HIS B 350 9.66 -31.61 10.43
CA HIS B 350 9.86 -31.80 11.86
C HIS B 350 11.10 -32.65 12.15
N VAL B 351 11.44 -32.77 13.44
CA VAL B 351 12.43 -33.74 13.85
C VAL B 351 11.87 -35.11 13.55
N HIS B 352 12.71 -36.00 13.04
CA HIS B 352 12.28 -37.36 12.70
C HIS B 352 13.41 -38.36 12.91
N ASP B 353 13.05 -39.55 13.36
CA ASP B 353 13.95 -40.70 13.39
C ASP B 353 15.05 -40.59 14.43
N VAL B 354 14.86 -39.73 15.42
CA VAL B 354 15.86 -39.55 16.51
C VAL B 354 15.10 -39.18 17.78
N GLN B 355 15.54 -39.69 18.95
CA GLN B 355 14.94 -39.31 20.23
C GLN B 355 15.52 -38.02 20.75
N ILE B 356 14.66 -37.08 21.14
CA ILE B 356 15.08 -35.75 21.59
C ILE B 356 15.38 -35.90 23.08
N THR B 357 16.52 -35.37 23.51
CA THR B 357 16.92 -35.52 24.93
C THR B 357 16.69 -34.25 25.75
N LYS B 358 16.46 -33.11 25.09
CA LYS B 358 16.22 -31.82 25.77
C LYS B 358 15.20 -31.05 24.96
N GLU B 359 14.21 -30.44 25.62
CA GLU B 359 13.30 -29.52 24.92
C GLU B 359 14.05 -28.24 24.52
N ALA B 360 13.97 -27.91 23.23
CA ALA B 360 14.46 -26.64 22.73
C ALA B 360 13.42 -25.53 22.93
N PRO B 361 13.89 -24.31 23.24
CA PRO B 361 12.94 -23.25 23.63
C PRO B 361 12.01 -22.75 22.52
N ASN B 362 12.35 -23.09 21.28
CA ASN B 362 11.47 -22.77 20.16
C ASN B 362 10.93 -24.02 19.48
N TYR B 363 10.91 -25.16 20.18
CA TYR B 363 10.35 -26.38 19.59
C TYR B 363 9.57 -27.09 20.69
N ARG B 364 8.58 -26.34 21.20
CA ARG B 364 7.73 -26.81 22.30
C ARG B 364 6.57 -27.61 21.71
N LEU B 365 6.56 -28.92 22.00
CA LEU B 365 5.63 -29.88 21.34
C LEU B 365 4.33 -30.15 22.14
#